data_9S5L
#
_entry.id   9S5L
#
_cell.length_a   45.560
_cell.length_b   176.460
_cell.length_c   49.440
_cell.angle_alpha   90.000
_cell.angle_beta   111.990
_cell.angle_gamma   90.000
#
_symmetry.space_group_name_H-M   'P 1 21 1'
#
loop_
_entity.id
_entity.type
_entity.pdbx_description
1 polymer Beta-lactamase
2 non-polymer 4-chloranyl-N-[[(3S)-1-oxidanyl-3H-2,1$l^{4}-benzoxaborol-3-yl]methyl]benzenesulfonamide
3 non-polymer 'CHLORIDE ION'
4 non-polymer 'SODIUM ION'
5 water water
#
_entity_poly.entity_id   1
_entity_poly.type   'polypeptide(L)'
_entity_poly.pdbx_seq_one_letter_code
;SNTPKDQEIKKLVDQNFKPLLEKYDVPGMAVGVIQNNKKYEMYYGLQSVQDKKAVNSSTIFELGSVSKLFTATAGGYAKN
KGKISFDDTPGKYWKELKNTPIDQVNLLQLATYTSGNLALQFPDEVKTDQQVLTFFKDWKPKNSIGEYRQYSNPSIGLFG
KVVALSMNKPFDQVLEKTIFPALGLKHSYVNVPKTQMQNYAFGYNQENQPIRVNPGPLDAPAYGVKSTLPDMLSFIHANL
NPQKYPADIQRAINETHQGRYQVNTMYQALGWEEFSYPATLQTLLDSNSEQIVMKPNKVTAISKEPSVKMYHKTGSTTGF
GTYVVFIPKENIGLVMLTNKRIPNEERIKAAYAVLNAIKK
;
_entity_poly.pdbx_strand_id   B,A
#
# COMPACT_ATOMS: atom_id res chain seq x y z
N ASN A 2 -10.29 -42.96 -22.58
CA ASN A 2 -8.87 -42.86 -22.88
C ASN A 2 -8.61 -42.31 -24.29
N THR A 3 -9.38 -41.30 -24.69
CA THR A 3 -9.24 -40.69 -26.00
C THR A 3 -7.94 -39.89 -26.10
N PRO A 4 -7.57 -39.47 -27.30
CA PRO A 4 -6.43 -38.54 -27.41
C PRO A 4 -6.59 -37.32 -26.51
N LYS A 5 -7.81 -36.77 -26.44
CA LYS A 5 -8.03 -35.58 -25.62
C LYS A 5 -7.89 -35.90 -24.13
N ASP A 6 -8.43 -37.03 -23.68
CA ASP A 6 -8.21 -37.50 -22.31
C ASP A 6 -6.73 -37.51 -21.97
N GLN A 7 -5.92 -38.11 -22.84
CA GLN A 7 -4.49 -38.24 -22.55
C GLN A 7 -3.78 -36.91 -22.65
N GLU A 8 -4.20 -36.02 -23.56
CA GLU A 8 -3.58 -34.71 -23.65
C GLU A 8 -3.83 -33.90 -22.39
N ILE A 9 -5.07 -33.88 -21.92
CA ILE A 9 -5.37 -33.09 -20.73
C ILE A 9 -4.70 -33.70 -19.51
N LYS A 10 -4.66 -35.03 -19.42
CA LYS A 10 -3.99 -35.65 -18.27
C LYS A 10 -2.53 -35.24 -18.22
N LYS A 11 -1.85 -35.27 -19.38
CA LYS A 11 -0.46 -34.85 -19.44
C LYS A 11 -0.30 -33.38 -19.02
N LEU A 12 -1.16 -32.51 -19.57
CA LEU A 12 -1.08 -31.08 -19.24
C LEU A 12 -1.28 -30.82 -17.76
N VAL A 13 -2.29 -31.47 -17.15
CA VAL A 13 -2.54 -31.26 -15.73
C VAL A 13 -1.41 -31.86 -14.90
N ASP A 14 -0.90 -33.04 -15.29
CA ASP A 14 0.25 -33.62 -14.61
C ASP A 14 1.48 -32.70 -14.69
N GLN A 15 1.65 -32.01 -15.83
CA GLN A 15 2.83 -31.17 -16.01
C GLN A 15 2.74 -29.91 -15.19
N ASN A 16 1.54 -29.34 -15.05
CA ASN A 16 1.39 -28.01 -14.49
C ASN A 16 0.74 -27.96 -13.11
N PHE A 17 -0.18 -28.86 -12.78
CA PHE A 17 -0.81 -28.82 -11.46
C PHE A 17 -0.22 -29.82 -10.48
N LYS A 18 0.12 -31.03 -10.94
CA LYS A 18 0.61 -32.05 -10.03
C LYS A 18 1.86 -31.60 -9.26
N PRO A 19 2.82 -30.88 -9.85
CA PRO A 19 4.00 -30.46 -9.07
C PRO A 19 3.65 -29.60 -7.87
N LEU A 20 2.50 -28.90 -7.89
CA LEU A 20 2.09 -28.08 -6.76
C LEU A 20 1.79 -28.91 -5.52
N LEU A 21 1.37 -30.17 -5.70
CA LEU A 21 1.08 -31.01 -4.54
C LEU A 21 2.31 -31.18 -3.67
N GLU A 22 3.45 -31.48 -4.29
CA GLU A 22 4.70 -31.63 -3.55
C GLU A 22 5.23 -30.27 -3.11
N LYS A 23 5.15 -29.26 -3.99
CA LYS A 23 5.73 -27.97 -3.64
C LYS A 23 5.08 -27.38 -2.40
N TYR A 24 3.77 -27.55 -2.25
CA TYR A 24 3.01 -26.93 -1.17
C TYR A 24 2.43 -27.96 -0.20
N ASP A 25 2.81 -29.23 -0.33
CA ASP A 25 2.40 -30.24 0.63
C ASP A 25 0.89 -30.30 0.72
N VAL A 26 0.26 -30.44 -0.44
CA VAL A 26 -1.20 -30.42 -0.59
C VAL A 26 -1.71 -31.87 -0.57
N PRO A 27 -2.65 -32.22 0.32
CA PRO A 27 -3.06 -33.63 0.42
C PRO A 27 -3.90 -34.10 -0.76
N GLY A 28 -4.75 -33.25 -1.30
CA GLY A 28 -5.73 -33.67 -2.29
C GLY A 28 -6.04 -32.55 -3.25
N MET A 29 -6.39 -32.92 -4.47
CA MET A 29 -6.67 -31.91 -5.47
C MET A 29 -7.56 -32.49 -6.56
N ALA A 30 -8.47 -31.65 -7.07
CA ALA A 30 -9.28 -32.01 -8.22
C ALA A 30 -9.09 -30.93 -9.25
N VAL A 31 -8.78 -31.31 -10.48
CA VAL A 31 -8.66 -30.34 -11.57
C VAL A 31 -9.51 -30.83 -12.72
N GLY A 32 -10.34 -29.95 -13.25
CA GLY A 32 -11.21 -30.31 -14.36
C GLY A 32 -11.09 -29.31 -15.48
N VAL A 33 -11.16 -29.81 -16.71
CA VAL A 33 -11.24 -28.99 -17.90
C VAL A 33 -12.54 -29.35 -18.61
N ILE A 34 -13.30 -28.35 -19.03
CA ILE A 34 -14.43 -28.60 -19.92
C ILE A 34 -14.08 -27.98 -21.27
N GLN A 35 -14.10 -28.79 -22.32
CA GLN A 35 -13.84 -28.32 -23.67
C GLN A 35 -14.78 -29.03 -24.62
N ASN A 36 -15.38 -28.29 -25.55
CA ASN A 36 -16.33 -28.92 -26.48
C ASN A 36 -17.49 -29.57 -25.73
N ASN A 37 -17.90 -28.97 -24.61
CA ASN A 37 -19.03 -29.44 -23.81
C ASN A 37 -18.77 -30.81 -23.19
N LYS A 38 -17.52 -31.23 -23.13
CA LYS A 38 -17.13 -32.49 -22.52
C LYS A 38 -16.22 -32.24 -21.33
N LYS A 39 -16.50 -32.95 -20.23
CA LYS A 39 -15.78 -32.77 -18.97
C LYS A 39 -14.61 -33.75 -18.91
N TYR A 40 -13.44 -33.23 -18.51
CA TYR A 40 -12.26 -34.05 -18.24
C TYR A 40 -11.86 -33.80 -16.79
N GLU A 41 -11.83 -34.87 -16.00
CA GLU A 41 -11.67 -34.78 -14.55
C GLU A 41 -10.41 -35.49 -14.12
N MET A 42 -9.58 -34.79 -13.34
N MET A 42 -9.56 -34.78 -13.38
CA MET A 42 -8.33 -35.33 -12.83
CA MET A 42 -8.31 -35.31 -12.83
C MET A 42 -8.29 -35.19 -11.32
C MET A 42 -8.35 -35.21 -11.31
N TYR A 43 -8.07 -36.31 -10.63
CA TYR A 43 -8.10 -36.38 -9.18
C TYR A 43 -6.74 -36.80 -8.64
N TYR A 44 -6.32 -36.19 -7.52
CA TYR A 44 -5.06 -36.52 -6.86
C TYR A 44 -5.24 -36.61 -5.36
N GLY A 45 -4.58 -37.59 -4.75
CA GLY A 45 -4.40 -37.58 -3.31
C GLY A 45 -5.69 -37.84 -2.55
N LEU A 46 -5.76 -37.27 -1.36
CA LEU A 46 -6.71 -37.70 -0.34
C LEU A 46 -7.62 -36.55 0.08
N GLN A 47 -8.94 -36.82 0.09
CA GLN A 47 -9.87 -35.87 0.69
C GLN A 47 -9.80 -35.90 2.22
N SER A 48 -9.46 -37.06 2.79
CA SER A 48 -9.21 -37.19 4.22
C SER A 48 -7.95 -38.02 4.40
N VAL A 49 -6.92 -37.41 4.98
CA VAL A 49 -5.68 -38.13 5.26
C VAL A 49 -5.93 -39.23 6.28
N GLN A 50 -6.59 -38.90 7.39
CA GLN A 50 -6.74 -39.87 8.47
C GLN A 50 -7.55 -41.07 8.02
N ASP A 51 -8.51 -40.86 7.12
CA ASP A 51 -9.36 -41.94 6.63
C ASP A 51 -8.80 -42.61 5.39
N LYS A 52 -7.73 -42.11 4.81
CA LYS A 52 -7.22 -42.61 3.53
C LYS A 52 -8.34 -42.71 2.51
N LYS A 53 -9.18 -41.67 2.45
CA LYS A 53 -10.26 -41.57 1.48
C LYS A 53 -9.77 -40.70 0.32
N ALA A 54 -9.68 -41.29 -0.87
CA ALA A 54 -9.16 -40.57 -2.01
C ALA A 54 -10.09 -39.46 -2.48
N VAL A 55 -9.51 -38.36 -3.00
CA VAL A 55 -10.30 -37.39 -3.73
C VAL A 55 -10.91 -38.09 -4.93
N ASN A 56 -12.20 -37.85 -5.18
CA ASN A 56 -12.89 -38.49 -6.29
C ASN A 56 -14.02 -37.56 -6.74
N SER A 57 -14.80 -38.03 -7.70
CA SER A 57 -15.82 -37.16 -8.28
C SER A 57 -16.94 -36.80 -7.30
N SER A 58 -17.03 -37.53 -6.17
CA SER A 58 -17.98 -37.18 -5.11
C SER A 58 -17.41 -36.21 -4.07
N THR A 59 -16.10 -35.93 -4.09
CA THR A 59 -15.50 -35.14 -3.01
C THR A 59 -16.05 -33.71 -3.02
N ILE A 60 -16.48 -33.23 -1.84
CA ILE A 60 -16.99 -31.88 -1.66
C ILE A 60 -15.87 -31.00 -1.09
N PHE A 61 -15.60 -29.89 -1.77
CA PHE A 61 -14.59 -28.91 -1.36
C PHE A 61 -15.28 -27.59 -1.00
N GLU A 62 -14.64 -26.83 -0.10
CA GLU A 62 -15.05 -25.45 0.17
C GLU A 62 -14.54 -24.54 -0.93
N LEU A 63 -15.45 -23.74 -1.52
CA LEU A 63 -15.13 -22.83 -2.60
C LEU A 63 -14.58 -21.48 -2.14
N GLY A 64 -14.72 -21.13 -0.87
CA GLY A 64 -14.26 -19.80 -0.47
C GLY A 64 -14.94 -18.73 -1.29
N SER A 65 -14.16 -17.71 -1.71
CA SER A 65 -14.76 -16.58 -2.42
C SER A 65 -15.30 -16.94 -3.80
N VAL A 66 -15.05 -18.15 -4.31
CA VAL A 66 -15.76 -18.52 -5.53
C VAL A 66 -17.26 -18.63 -5.24
N SER A 67 -17.62 -18.71 -3.96
CA SER A 67 -19.02 -18.62 -3.56
C SER A 67 -19.66 -17.32 -4.06
N LYS A 68 -18.90 -16.23 -4.12
CA LYS A 68 -19.42 -14.95 -4.57
C LYS A 68 -20.00 -15.03 -5.98
N LEU A 69 -19.53 -15.99 -6.79
CA LEU A 69 -20.09 -16.18 -8.13
C LEU A 69 -21.53 -16.69 -8.04
N PHE A 70 -21.83 -17.53 -7.07
CA PHE A 70 -23.22 -17.97 -6.89
C PHE A 70 -24.07 -16.86 -6.30
N THR A 71 -23.50 -16.05 -5.41
CA THR A 71 -24.23 -14.89 -4.91
C THR A 71 -24.55 -13.93 -6.05
N ALA A 72 -23.55 -13.66 -6.90
CA ALA A 72 -23.78 -12.85 -8.08
C ALA A 72 -24.88 -13.43 -8.96
N THR A 73 -24.85 -14.74 -9.19
CA THR A 73 -25.88 -15.36 -10.02
C THR A 73 -27.27 -15.20 -9.40
N ALA A 74 -27.37 -15.43 -8.08
CA ALA A 74 -28.63 -15.18 -7.38
C ALA A 74 -29.10 -13.74 -7.61
N GLY A 75 -28.18 -12.77 -7.44
CA GLY A 75 -28.52 -11.39 -7.71
C GLY A 75 -29.03 -11.17 -9.13
N GLY A 76 -28.34 -11.75 -10.13
CA GLY A 76 -28.81 -11.61 -11.50
C GLY A 76 -30.16 -12.25 -11.72
N TYR A 77 -30.42 -13.37 -11.04
CA TYR A 77 -31.71 -14.02 -11.10
C TYR A 77 -32.81 -13.11 -10.57
N ALA A 78 -32.63 -12.58 -9.36
CA ALA A 78 -33.66 -11.74 -8.77
C ALA A 78 -33.88 -10.48 -9.60
N LYS A 79 -32.79 -9.87 -10.08
CA LYS A 79 -32.90 -8.65 -10.87
C LYS A 79 -33.74 -8.89 -12.12
N ASN A 80 -33.46 -9.99 -12.83
CA ASN A 80 -34.15 -10.20 -14.08
C ASN A 80 -35.55 -10.78 -13.89
N LYS A 81 -35.90 -11.21 -12.68
CA LYS A 81 -37.29 -11.50 -12.33
C LYS A 81 -38.02 -10.28 -11.78
N GLY A 82 -37.35 -9.12 -11.69
CA GLY A 82 -37.98 -7.93 -11.17
C GLY A 82 -38.08 -7.84 -9.67
N LYS A 83 -37.41 -8.73 -8.92
CA LYS A 83 -37.45 -8.70 -7.46
C LYS A 83 -36.60 -7.58 -6.89
N ILE A 84 -35.57 -7.17 -7.62
CA ILE A 84 -34.71 -6.06 -7.23
C ILE A 84 -34.35 -5.28 -8.48
N SER A 85 -33.95 -4.04 -8.27
CA SER A 85 -33.20 -3.26 -9.24
C SER A 85 -31.84 -2.97 -8.65
N PHE A 86 -30.81 -3.01 -9.48
CA PHE A 86 -29.47 -2.69 -8.96
C PHE A 86 -29.35 -1.23 -8.53
N ASP A 87 -30.32 -0.39 -8.88
CA ASP A 87 -30.36 0.98 -8.42
C ASP A 87 -30.98 1.12 -7.03
N ASP A 88 -31.55 0.05 -6.48
CA ASP A 88 -32.17 0.11 -5.15
C ASP A 88 -31.09 0.24 -4.07
N THR A 89 -31.53 0.61 -2.87
CA THR A 89 -30.66 0.64 -1.71
C THR A 89 -31.08 -0.42 -0.71
N PRO A 90 -30.18 -0.84 0.20
CA PRO A 90 -30.49 -2.01 1.01
C PRO A 90 -31.66 -1.82 1.97
N GLY A 91 -31.97 -0.59 2.38
CA GLY A 91 -33.08 -0.35 3.30
C GLY A 91 -34.44 -0.54 2.68
N LYS A 92 -34.51 -0.62 1.35
CA LYS A 92 -35.77 -0.98 0.71
C LYS A 92 -36.20 -2.38 1.12
N TYR A 93 -35.24 -3.24 1.46
CA TYR A 93 -35.52 -4.65 1.74
C TYR A 93 -35.22 -5.04 3.16
N TRP A 94 -34.08 -4.61 3.70
CA TRP A 94 -33.79 -4.78 5.13
C TRP A 94 -34.27 -3.50 5.79
N LYS A 95 -35.52 -3.51 6.25
CA LYS A 95 -36.19 -2.27 6.63
C LYS A 95 -35.51 -1.57 7.79
N GLU A 96 -34.79 -2.32 8.64
CA GLU A 96 -34.07 -1.69 9.76
C GLU A 96 -32.94 -0.78 9.30
N LEU A 97 -32.52 -0.88 8.04
CA LEU A 97 -31.49 -0.01 7.50
C LEU A 97 -32.07 1.22 6.82
N LYS A 98 -33.39 1.33 6.75
CA LYS A 98 -34.00 2.49 6.12
C LYS A 98 -33.56 3.75 6.84
N ASN A 99 -33.16 4.77 6.06
CA ASN A 99 -32.80 6.09 6.59
C ASN A 99 -31.50 6.08 7.37
N THR A 100 -30.65 5.08 7.20
CA THR A 100 -29.29 5.10 7.71
C THR A 100 -28.32 5.44 6.61
N PRO A 101 -27.09 5.83 6.95
CA PRO A 101 -26.12 6.17 5.89
C PRO A 101 -25.91 5.07 4.87
N ILE A 102 -25.88 3.80 5.27
CA ILE A 102 -25.65 2.73 4.31
C ILE A 102 -26.80 2.64 3.31
N ASP A 103 -27.98 3.14 3.67
CA ASP A 103 -29.08 3.19 2.71
C ASP A 103 -28.85 4.23 1.59
N GLN A 104 -27.70 4.91 1.57
CA GLN A 104 -27.34 5.74 0.42
C GLN A 104 -26.51 4.98 -0.61
N VAL A 105 -26.13 3.73 -0.32
CA VAL A 105 -25.31 2.90 -1.21
C VAL A 105 -26.25 1.98 -1.97
N ASN A 106 -26.05 1.84 -3.28
CA ASN A 106 -26.99 1.03 -4.04
C ASN A 106 -26.48 -0.41 -4.17
N LEU A 107 -27.38 -1.28 -4.62
CA LEU A 107 -27.07 -2.72 -4.59
C LEU A 107 -25.90 -3.06 -5.51
N LEU A 108 -25.82 -2.41 -6.67
CA LEU A 108 -24.68 -2.67 -7.56
C LEU A 108 -23.38 -2.30 -6.88
N GLN A 109 -23.35 -1.16 -6.18
CA GLN A 109 -22.14 -0.77 -5.46
C GLN A 109 -21.80 -1.76 -4.35
N LEU A 110 -22.81 -2.33 -3.66
CA LEU A 110 -22.49 -3.35 -2.67
C LEU A 110 -21.90 -4.58 -3.33
N ALA A 111 -22.52 -5.02 -4.43
CA ALA A 111 -22.11 -6.25 -5.10
C ALA A 111 -20.71 -6.13 -5.68
N THR A 112 -20.31 -4.93 -6.12
CA THR A 112 -19.02 -4.73 -6.78
C THR A 112 -18.06 -3.89 -5.92
N TYR A 113 -18.31 -3.82 -4.61
CA TYR A 113 -17.34 -3.43 -3.58
C TYR A 113 -16.99 -1.95 -3.60
N THR A 114 -17.93 -1.05 -3.92
CA THR A 114 -17.58 0.36 -4.05
C THR A 114 -18.31 1.25 -3.04
N SER A 115 -18.76 0.71 -1.91
CA SER A 115 -19.42 1.55 -0.90
C SER A 115 -18.50 2.63 -0.36
N GLY A 116 -17.19 2.44 -0.44
CA GLY A 116 -16.25 3.41 0.08
C GLY A 116 -15.86 3.22 1.53
N ASN A 117 -16.46 2.26 2.25
CA ASN A 117 -16.04 1.98 3.61
C ASN A 117 -16.43 0.58 4.06
N LEU A 118 -15.99 -0.44 3.34
CA LEU A 118 -16.20 -1.82 3.77
C LEU A 118 -14.94 -2.59 3.45
N ALA A 119 -14.34 -3.19 4.46
CA ALA A 119 -13.04 -3.84 4.35
C ALA A 119 -13.20 -5.28 3.90
N LEU A 120 -12.05 -5.96 3.73
CA LEU A 120 -12.08 -7.35 3.30
C LEU A 120 -13.01 -8.18 4.19
N GLN A 121 -12.89 -7.99 5.51
CA GLN A 121 -13.65 -8.75 6.48
C GLN A 121 -14.42 -7.83 7.42
N PHE A 122 -15.48 -8.39 8.01
CA PHE A 122 -16.09 -7.77 9.17
C PHE A 122 -15.06 -7.60 10.30
N PRO A 123 -15.27 -6.62 11.19
CA PRO A 123 -14.47 -6.60 12.42
C PRO A 123 -14.57 -7.93 13.16
N ASP A 124 -13.49 -8.32 13.82
CA ASP A 124 -13.50 -9.57 14.58
C ASP A 124 -14.64 -9.62 15.58
N GLU A 125 -15.02 -8.46 16.13
CA GLU A 125 -16.03 -8.44 17.19
C GLU A 125 -17.46 -8.54 16.67
N VAL A 126 -17.67 -8.47 15.36
CA VAL A 126 -19.00 -8.61 14.78
C VAL A 126 -19.25 -10.09 14.50
N LYS A 127 -20.14 -10.72 15.27
CA LYS A 127 -20.38 -12.15 15.12
C LYS A 127 -21.85 -12.51 15.05
N THR A 128 -22.66 -12.03 15.99
CA THR A 128 -24.06 -12.42 16.04
C THR A 128 -24.89 -11.64 15.03
N ASP A 129 -26.12 -12.13 14.80
CA ASP A 129 -27.03 -11.41 13.90
C ASP A 129 -27.23 -9.97 14.35
N GLN A 130 -27.42 -9.75 15.65
CA GLN A 130 -27.65 -8.40 16.15
C GLN A 130 -26.42 -7.52 15.96
N GLN A 131 -25.22 -8.10 16.12
CA GLN A 131 -24.01 -7.31 15.91
C GLN A 131 -23.83 -6.92 14.46
N VAL A 132 -24.20 -7.83 13.52
CA VAL A 132 -24.18 -7.48 12.10
C VAL A 132 -25.16 -6.34 11.82
N LEU A 133 -26.36 -6.42 12.39
CA LEU A 133 -27.34 -5.36 12.15
C LEU A 133 -26.82 -4.03 12.69
N THR A 134 -26.28 -4.04 13.90
CA THR A 134 -25.74 -2.82 14.49
C THR A 134 -24.58 -2.28 13.65
N PHE A 135 -23.72 -3.18 13.17
CA PHE A 135 -22.59 -2.76 12.33
C PHE A 135 -23.08 -1.93 11.14
N PHE A 136 -24.12 -2.39 10.46
CA PHE A 136 -24.60 -1.66 9.29
C PHE A 136 -25.43 -0.43 9.69
N LYS A 137 -26.15 -0.48 10.81
CA LYS A 137 -26.85 0.71 11.28
C LYS A 137 -25.87 1.81 11.68
N ASP A 138 -24.72 1.46 12.25
CA ASP A 138 -23.73 2.43 12.70
C ASP A 138 -22.77 2.84 11.59
N TRP A 139 -22.90 2.23 10.41
CA TRP A 139 -21.99 2.50 9.30
C TRP A 139 -22.09 3.94 8.83
N LYS A 140 -20.94 4.50 8.46
CA LYS A 140 -20.86 5.84 7.91
C LYS A 140 -19.90 5.83 6.73
N PRO A 141 -20.09 6.72 5.76
CA PRO A 141 -19.20 6.74 4.61
C PRO A 141 -17.79 7.17 4.99
N LYS A 142 -16.81 6.69 4.20
CA LYS A 142 -15.43 7.11 4.34
C LYS A 142 -14.96 7.72 3.03
N ASN A 143 -14.72 6.90 2.00
CA ASN A 143 -14.41 7.40 0.67
C ASN A 143 -15.69 7.79 -0.06
N SER A 144 -15.54 8.61 -1.08
CA SER A 144 -16.67 8.95 -1.95
C SER A 144 -17.35 7.69 -2.45
N ILE A 145 -18.66 7.59 -2.19
CA ILE A 145 -19.38 6.36 -2.52
C ILE A 145 -19.28 6.10 -4.02
N GLY A 146 -19.03 4.83 -4.38
CA GLY A 146 -18.97 4.41 -5.76
C GLY A 146 -17.65 4.63 -6.46
N GLU A 147 -16.71 5.35 -5.86
CA GLU A 147 -15.49 5.71 -6.56
C GLU A 147 -14.34 4.75 -6.33
N TYR A 148 -14.34 4.00 -5.23
CA TYR A 148 -13.22 3.14 -4.86
C TYR A 148 -13.66 1.70 -4.71
N ARG A 149 -12.95 0.79 -5.37
CA ARG A 149 -13.16 -0.64 -5.21
C ARG A 149 -12.30 -1.11 -4.05
N GLN A 150 -12.93 -1.68 -3.04
CA GLN A 150 -12.20 -2.38 -1.98
C GLN A 150 -12.87 -3.73 -1.81
N TYR A 151 -12.18 -4.77 -2.27
CA TYR A 151 -12.71 -6.13 -2.23
C TYR A 151 -13.16 -6.48 -0.82
N SER A 152 -14.39 -7.00 -0.69
CA SER A 152 -15.01 -6.97 0.64
C SER A 152 -16.07 -8.05 0.81
N ASN A 153 -15.90 -8.87 1.86
CA ASN A 153 -16.92 -9.85 2.23
C ASN A 153 -18.19 -9.19 2.76
N PRO A 154 -18.15 -8.27 3.73
CA PRO A 154 -19.40 -7.66 4.19
C PRO A 154 -20.17 -6.99 3.06
N SER A 155 -19.47 -6.42 2.09
CA SER A 155 -20.15 -5.70 1.00
C SER A 155 -21.02 -6.63 0.19
N ILE A 156 -20.42 -7.68 -0.39
CA ILE A 156 -21.22 -8.60 -1.20
C ILE A 156 -22.10 -9.48 -0.30
N GLY A 157 -21.70 -9.68 0.96
CA GLY A 157 -22.58 -10.39 1.88
C GLY A 157 -23.87 -9.63 2.13
N LEU A 158 -23.77 -8.31 2.32
CA LEU A 158 -25.00 -7.52 2.45
C LEU A 158 -25.82 -7.59 1.16
N PHE A 159 -25.15 -7.55 0.01
CA PHE A 159 -25.85 -7.71 -1.27
C PHE A 159 -26.63 -9.02 -1.29
N GLY A 160 -25.97 -10.11 -0.88
CA GLY A 160 -26.64 -11.40 -0.90
C GLY A 160 -27.80 -11.50 0.07
N LYS A 161 -27.65 -10.91 1.27
CA LYS A 161 -28.75 -10.88 2.21
C LYS A 161 -29.95 -10.15 1.62
N VAL A 162 -29.70 -9.02 0.97
CA VAL A 162 -30.79 -8.27 0.35
C VAL A 162 -31.41 -9.08 -0.77
N VAL A 163 -30.59 -9.72 -1.60
CA VAL A 163 -31.13 -10.58 -2.65
C VAL A 163 -32.08 -11.61 -2.05
N ALA A 164 -31.67 -12.21 -0.93
CA ALA A 164 -32.50 -13.23 -0.29
C ALA A 164 -33.80 -12.63 0.23
N LEU A 165 -33.71 -11.48 0.92
CA LEU A 165 -34.92 -10.80 1.38
C LEU A 165 -35.88 -10.52 0.23
N SER A 166 -35.36 -10.07 -0.91
CA SER A 166 -36.25 -9.79 -2.04
C SER A 166 -36.92 -11.04 -2.56
N MET A 167 -36.36 -12.22 -2.29
CA MET A 167 -36.95 -13.49 -2.68
C MET A 167 -37.71 -14.16 -1.55
N ASN A 168 -37.84 -13.51 -0.39
CA ASN A 168 -38.60 -14.01 0.75
C ASN A 168 -38.14 -15.39 1.20
N LYS A 169 -36.85 -15.66 1.08
CA LYS A 169 -36.26 -16.91 1.53
C LYS A 169 -34.88 -16.63 2.12
N PRO A 170 -34.45 -17.42 3.11
CA PRO A 170 -33.07 -17.30 3.59
C PRO A 170 -32.09 -17.57 2.47
N PHE A 171 -30.89 -16.98 2.60
CA PHE A 171 -29.94 -17.06 1.49
C PHE A 171 -29.59 -18.51 1.16
N ASP A 172 -29.40 -19.35 2.18
CA ASP A 172 -29.06 -20.74 1.92
C ASP A 172 -30.13 -21.40 1.06
N GLN A 173 -31.40 -21.07 1.30
N GLN A 173 -31.40 -21.08 1.30
CA GLN A 173 -32.48 -21.66 0.52
CA GLN A 173 -32.46 -21.66 0.50
C GLN A 173 -32.56 -21.06 -0.88
C GLN A 173 -32.52 -21.07 -0.90
N VAL A 174 -32.21 -19.78 -1.05
CA VAL A 174 -32.12 -19.21 -2.39
C VAL A 174 -31.20 -20.07 -3.24
N LEU A 175 -30.02 -20.41 -2.72
CA LEU A 175 -29.09 -21.20 -3.51
C LEU A 175 -29.53 -22.66 -3.60
N GLU A 176 -29.86 -23.27 -2.48
CA GLU A 176 -30.11 -24.72 -2.50
C GLU A 176 -31.46 -25.09 -3.09
N LYS A 177 -32.45 -24.20 -3.07
CA LYS A 177 -33.77 -24.51 -3.60
C LYS A 177 -34.03 -23.91 -4.98
N THR A 178 -33.35 -22.82 -5.34
CA THR A 178 -33.64 -22.12 -6.59
C THR A 178 -32.44 -22.09 -7.53
N ILE A 179 -31.28 -21.62 -7.07
CA ILE A 179 -30.19 -21.36 -7.99
C ILE A 179 -29.47 -22.66 -8.37
N PHE A 180 -29.10 -23.48 -7.38
CA PHE A 180 -28.40 -24.72 -7.70
C PHE A 180 -29.22 -25.65 -8.57
N PRO A 181 -30.51 -25.88 -8.31
CA PRO A 181 -31.28 -26.74 -9.23
C PRO A 181 -31.40 -26.13 -10.62
N ALA A 182 -31.53 -24.81 -10.71
CA ALA A 182 -31.63 -24.17 -12.02
C ALA A 182 -30.37 -24.39 -12.85
N LEU A 183 -29.22 -24.45 -12.19
CA LEU A 183 -27.93 -24.69 -12.83
C LEU A 183 -27.65 -26.18 -13.05
N GLY A 184 -28.53 -27.06 -12.59
CA GLY A 184 -28.31 -28.49 -12.72
C GLY A 184 -27.31 -29.07 -11.75
N LEU A 185 -27.07 -28.40 -10.62
CA LEU A 185 -26.07 -28.88 -9.67
C LEU A 185 -26.74 -29.79 -8.65
N LYS A 186 -26.12 -30.94 -8.40
CA LYS A 186 -26.69 -31.98 -7.55
C LYS A 186 -25.97 -32.17 -6.23
N HIS A 187 -24.75 -31.66 -6.09
CA HIS A 187 -24.00 -31.84 -4.85
C HIS A 187 -23.27 -30.57 -4.50
N SER A 188 -24.00 -29.47 -4.60
CA SER A 188 -23.52 -28.15 -4.18
C SER A 188 -24.38 -27.66 -3.03
N TYR A 189 -23.73 -27.10 -2.02
CA TYR A 189 -24.40 -26.86 -0.74
C TYR A 189 -23.87 -25.60 -0.09
N VAL A 190 -24.77 -24.93 0.62
CA VAL A 190 -24.33 -23.99 1.67
C VAL A 190 -24.14 -24.72 2.99
N ASN A 191 -25.03 -25.67 3.30
CA ASN A 191 -24.89 -26.53 4.47
C ASN A 191 -24.88 -27.96 3.97
N VAL A 192 -23.75 -28.63 4.12
CA VAL A 192 -23.62 -30.03 3.71
C VAL A 192 -24.50 -30.90 4.59
N PRO A 193 -25.43 -31.67 4.01
CA PRO A 193 -26.30 -32.50 4.82
C PRO A 193 -25.59 -33.73 5.38
N LYS A 194 -26.21 -34.32 6.41
CA LYS A 194 -25.61 -35.46 7.09
C LYS A 194 -25.23 -36.57 6.11
N THR A 195 -26.08 -36.83 5.12
CA THR A 195 -25.83 -37.92 4.19
C THR A 195 -24.66 -37.63 3.25
N GLN A 196 -24.13 -36.42 3.23
CA GLN A 196 -22.99 -36.09 2.38
C GLN A 196 -21.72 -35.80 3.16
N MET A 197 -21.74 -35.88 4.50
CA MET A 197 -20.56 -35.56 5.27
C MET A 197 -19.42 -36.51 4.94
N GLN A 198 -19.74 -37.77 4.60
CA GLN A 198 -18.71 -38.72 4.18
C GLN A 198 -17.98 -38.27 2.91
N ASN A 199 -18.57 -37.37 2.13
CA ASN A 199 -17.95 -36.86 0.92
C ASN A 199 -17.29 -35.50 1.13
N TYR A 200 -17.48 -34.90 2.29
CA TYR A 200 -16.94 -33.56 2.56
C TYR A 200 -15.47 -33.72 2.95
N ALA A 201 -14.57 -33.23 2.10
CA ALA A 201 -13.15 -33.22 2.41
C ALA A 201 -12.87 -32.49 3.72
N PHE A 202 -11.80 -32.91 4.40
CA PHE A 202 -11.14 -32.02 5.36
C PHE A 202 -10.23 -31.07 4.61
N GLY A 203 -10.20 -29.80 5.04
CA GLY A 203 -9.12 -28.91 4.66
C GLY A 203 -7.94 -29.12 5.58
N TYR A 204 -6.77 -28.63 5.16
CA TYR A 204 -5.56 -28.85 5.94
C TYR A 204 -4.80 -27.55 6.08
N ASN A 205 -4.41 -27.23 7.32
CA ASN A 205 -3.65 -26.01 7.57
C ASN A 205 -2.15 -26.30 7.47
N GLN A 206 -1.32 -25.34 7.88
CA GLN A 206 0.12 -25.49 7.77
C GLN A 206 0.69 -26.54 8.69
N GLU A 207 -0.06 -26.99 9.70
CA GLU A 207 0.33 -28.11 10.55
C GLU A 207 -0.26 -29.42 10.07
N ASN A 208 -0.89 -29.41 8.90
CA ASN A 208 -1.52 -30.60 8.34
C ASN A 208 -2.60 -31.16 9.27
N GLN A 209 -3.25 -30.28 10.01
CA GLN A 209 -4.40 -30.65 10.83
C GLN A 209 -5.69 -30.43 10.04
N PRO A 210 -6.66 -31.33 10.20
CA PRO A 210 -7.91 -31.24 9.44
C PRO A 210 -8.83 -30.16 10.01
N ILE A 211 -9.27 -29.26 9.13
CA ILE A 211 -10.07 -28.10 9.48
C ILE A 211 -11.16 -27.89 8.42
N ARG A 212 -12.25 -27.24 8.84
CA ARG A 212 -13.28 -26.82 7.91
C ARG A 212 -13.69 -25.39 8.28
N VAL A 213 -14.45 -24.75 7.38
CA VAL A 213 -14.76 -23.35 7.58
C VAL A 213 -15.62 -23.19 8.83
N ASN A 214 -15.33 -22.15 9.61
CA ASN A 214 -16.12 -21.86 10.79
C ASN A 214 -17.25 -20.89 10.46
N PRO A 215 -18.32 -20.90 11.26
CA PRO A 215 -19.39 -19.91 11.09
C PRO A 215 -18.83 -18.50 11.21
N GLY A 216 -19.39 -17.61 10.42
CA GLY A 216 -19.03 -16.21 10.45
C GLY A 216 -20.18 -15.34 9.97
N PRO A 217 -20.11 -14.04 10.24
CA PRO A 217 -21.21 -13.15 9.83
C PRO A 217 -21.33 -13.07 8.33
N LEU A 218 -22.56 -13.17 7.84
CA LEU A 218 -22.87 -13.25 6.41
C LEU A 218 -21.93 -14.19 5.66
N ASP A 219 -21.56 -15.32 6.28
CA ASP A 219 -20.60 -16.24 5.66
C ASP A 219 -21.15 -16.83 4.37
N ALA A 220 -22.43 -17.20 4.35
CA ALA A 220 -22.96 -17.90 3.19
C ALA A 220 -22.77 -17.13 1.89
N PRO A 221 -23.23 -15.88 1.75
CA PRO A 221 -23.04 -15.18 0.46
C PRO A 221 -21.60 -14.78 0.17
N ALA A 222 -20.74 -14.66 1.20
CA ALA A 222 -19.38 -14.21 0.93
C ALA A 222 -18.42 -15.36 0.64
N TYR A 223 -18.58 -16.52 1.28
CA TYR A 223 -17.61 -17.59 1.11
C TYR A 223 -18.11 -18.96 1.56
N GLY A 224 -19.42 -19.19 1.54
CA GLY A 224 -20.02 -20.33 2.22
C GLY A 224 -20.45 -21.52 1.40
N VAL A 225 -20.07 -21.62 0.12
CA VAL A 225 -20.55 -22.69 -0.74
C VAL A 225 -19.51 -23.81 -0.80
N LYS A 226 -19.97 -25.05 -0.83
CA LYS A 226 -19.13 -26.23 -1.01
C LYS A 226 -19.65 -27.01 -2.21
N SER A 227 -18.75 -27.58 -3.02
CA SER A 227 -19.17 -28.22 -4.25
C SER A 227 -18.16 -29.29 -4.66
N THR A 228 -18.51 -30.03 -5.70
CA THR A 228 -17.68 -31.10 -6.24
C THR A 228 -17.09 -30.67 -7.57
N LEU A 229 -16.08 -31.41 -8.04
CA LEU A 229 -15.53 -31.06 -9.34
C LEU A 229 -16.57 -31.20 -10.44
N PRO A 230 -17.36 -32.28 -10.51
CA PRO A 230 -18.38 -32.32 -11.58
C PRO A 230 -19.37 -31.17 -11.52
N ASP A 231 -19.83 -30.77 -10.33
CA ASP A 231 -20.76 -29.66 -10.27
C ASP A 231 -20.11 -28.36 -10.75
N MET A 232 -18.85 -28.13 -10.37
CA MET A 232 -18.21 -26.88 -10.80
C MET A 232 -18.00 -26.85 -12.31
N LEU A 233 -17.72 -28.01 -12.94
CA LEU A 233 -17.65 -28.05 -14.39
C LEU A 233 -19.00 -27.79 -15.03
N SER A 234 -20.09 -28.28 -14.40
CA SER A 234 -21.42 -27.92 -14.85
C SER A 234 -21.66 -26.41 -14.74
N PHE A 235 -21.21 -25.80 -13.65
CA PHE A 235 -21.36 -24.35 -13.49
C PHE A 235 -20.59 -23.61 -14.59
N ILE A 236 -19.38 -24.09 -14.91
CA ILE A 236 -18.63 -23.48 -16.01
C ILE A 236 -19.35 -23.70 -17.33
N HIS A 237 -19.91 -24.90 -17.54
CA HIS A 237 -20.70 -25.13 -18.74
C HIS A 237 -21.82 -24.11 -18.86
N ALA A 238 -22.50 -23.81 -17.76
CA ALA A 238 -23.62 -22.87 -17.81
C ALA A 238 -23.15 -21.46 -18.15
N ASN A 239 -21.96 -21.08 -17.67
CA ASN A 239 -21.40 -19.78 -18.04
C ASN A 239 -20.91 -19.76 -19.49
N LEU A 240 -20.44 -20.90 -20.00
CA LEU A 240 -20.05 -21.00 -21.41
C LEU A 240 -21.24 -21.06 -22.36
N ASN A 241 -22.35 -21.64 -21.90
CA ASN A 241 -23.47 -21.94 -22.78
C ASN A 241 -24.79 -21.55 -22.17
N PRO A 242 -24.95 -20.30 -21.75
CA PRO A 242 -26.19 -19.93 -21.05
C PRO A 242 -27.44 -20.08 -21.92
N GLN A 243 -27.28 -20.02 -23.25
CA GLN A 243 -28.43 -20.18 -24.15
C GLN A 243 -29.10 -21.54 -23.98
N LYS A 244 -28.40 -22.51 -23.39
CA LYS A 244 -28.96 -23.85 -23.22
C LYS A 244 -29.80 -24.01 -21.96
N TYR A 245 -29.92 -22.97 -21.15
CA TYR A 245 -30.63 -23.02 -19.88
C TYR A 245 -31.92 -22.21 -19.94
N PRO A 246 -32.89 -22.52 -19.09
CA PRO A 246 -34.15 -21.79 -19.11
C PRO A 246 -33.95 -20.30 -18.85
N ALA A 247 -34.94 -19.51 -19.32
CA ALA A 247 -34.76 -18.06 -19.42
C ALA A 247 -34.33 -17.43 -18.09
N ASP A 248 -34.93 -17.86 -16.98
CA ASP A 248 -34.68 -17.16 -15.72
C ASP A 248 -33.22 -17.24 -15.31
N ILE A 249 -32.62 -18.44 -15.38
CA ILE A 249 -31.23 -18.61 -14.99
C ILE A 249 -30.29 -18.18 -16.12
N GLN A 250 -30.70 -18.36 -17.38
N GLN A 250 -30.69 -18.35 -17.38
CA GLN A 250 -29.91 -17.86 -18.50
CA GLN A 250 -29.88 -17.84 -18.48
C GLN A 250 -29.67 -16.35 -18.37
C GLN A 250 -29.66 -16.34 -18.35
N ARG A 251 -30.73 -15.59 -18.08
N ARG A 251 -30.73 -15.59 -18.08
CA ARG A 251 -30.57 -14.15 -17.92
CA ARG A 251 -30.60 -14.14 -17.90
C ARG A 251 -29.69 -13.83 -16.71
C ARG A 251 -29.71 -13.82 -16.71
N ALA A 252 -29.84 -14.60 -15.63
CA ALA A 252 -28.99 -14.41 -14.45
C ALA A 252 -27.52 -14.59 -14.81
N ILE A 253 -27.20 -15.69 -15.51
CA ILE A 253 -25.80 -15.96 -15.88
C ILE A 253 -25.25 -14.83 -16.73
N ASN A 254 -25.99 -14.43 -17.75
CA ASN A 254 -25.53 -13.36 -18.63
C ASN A 254 -25.34 -12.09 -17.83
N GLU A 255 -26.24 -11.82 -16.89
CA GLU A 255 -26.13 -10.62 -16.05
C GLU A 255 -24.79 -10.59 -15.33
N THR A 256 -24.28 -11.75 -14.88
CA THR A 256 -23.02 -11.77 -14.14
C THR A 256 -21.81 -11.53 -15.02
N HIS A 257 -21.94 -11.56 -16.34
CA HIS A 257 -20.81 -11.37 -17.23
C HIS A 257 -20.57 -9.91 -17.59
N GLN A 258 -21.52 -9.03 -17.31
CA GLN A 258 -21.44 -7.66 -17.80
C GLN A 258 -20.47 -6.85 -16.92
N GLY A 259 -19.46 -6.27 -17.55
CA GLY A 259 -18.52 -5.45 -16.81
C GLY A 259 -19.21 -4.19 -16.32
N ARG A 260 -18.91 -3.81 -15.06
CA ARG A 260 -19.54 -2.66 -14.44
C ARG A 260 -18.62 -1.46 -14.33
N TYR A 261 -17.32 -1.69 -14.24
CA TYR A 261 -16.31 -0.64 -14.25
C TYR A 261 -14.96 -1.32 -14.47
N GLN A 262 -13.92 -0.51 -14.52
CA GLN A 262 -12.59 -0.97 -14.85
C GLN A 262 -11.62 -0.55 -13.75
N VAL A 263 -10.66 -1.42 -13.43
CA VAL A 263 -9.49 -1.07 -12.61
C VAL A 263 -8.27 -1.58 -13.35
N ASN A 264 -7.55 -0.68 -14.02
CA ASN A 264 -6.41 -1.04 -14.89
C ASN A 264 -6.91 -2.01 -15.94
N THR A 265 -6.36 -3.21 -16.04
CA THR A 265 -6.72 -4.18 -17.07
C THR A 265 -7.83 -5.12 -16.64
N MET A 266 -8.37 -4.94 -15.44
CA MET A 266 -9.45 -5.79 -14.93
C MET A 266 -10.78 -5.05 -15.05
N TYR A 267 -11.79 -5.76 -15.52
CA TYR A 267 -13.16 -5.27 -15.46
C TYR A 267 -13.88 -6.02 -14.35
N GLN A 268 -14.61 -5.30 -13.50
CA GLN A 268 -15.36 -5.94 -12.42
C GLN A 268 -16.75 -6.26 -12.93
N ALA A 269 -17.04 -7.56 -13.14
CA ALA A 269 -18.40 -7.98 -13.41
C ALA A 269 -19.04 -8.34 -12.07
N LEU A 270 -20.20 -8.98 -12.09
CA LEU A 270 -20.83 -9.39 -10.84
C LEU A 270 -20.16 -10.68 -10.38
N GLY A 271 -19.35 -10.59 -9.34
CA GLY A 271 -18.61 -11.75 -8.86
C GLY A 271 -17.40 -12.03 -9.71
N TRP A 272 -17.63 -12.33 -11.00
CA TRP A 272 -16.55 -12.59 -11.93
C TRP A 272 -15.65 -11.37 -12.14
N GLU A 273 -14.35 -11.63 -12.28
CA GLU A 273 -13.43 -10.68 -12.88
C GLU A 273 -13.37 -10.96 -14.37
N GLU A 274 -13.35 -9.89 -15.16
CA GLU A 274 -13.45 -9.94 -16.62
C GLU A 274 -12.22 -9.30 -17.25
N PHE A 275 -11.74 -9.91 -18.33
CA PHE A 275 -10.58 -9.42 -19.07
C PHE A 275 -10.83 -9.51 -20.56
N SER A 276 -10.21 -8.60 -21.30
CA SER A 276 -10.08 -8.79 -22.74
C SER A 276 -9.30 -10.06 -23.02
N TYR A 277 -9.79 -10.86 -24.00
CA TYR A 277 -9.15 -12.10 -24.40
C TYR A 277 -8.63 -11.99 -25.83
N PRO A 278 -7.39 -12.43 -26.11
CA PRO A 278 -6.41 -13.06 -25.22
C PRO A 278 -5.92 -12.10 -24.16
N ALA A 279 -5.77 -12.60 -22.94
CA ALA A 279 -5.23 -11.85 -21.83
C ALA A 279 -3.80 -12.32 -21.56
N THR A 280 -2.92 -11.40 -21.21
CA THR A 280 -1.59 -11.86 -20.85
C THR A 280 -1.60 -12.50 -19.47
N LEU A 281 -0.63 -13.38 -19.24
CA LEU A 281 -0.45 -13.92 -17.89
C LEU A 281 -0.29 -12.80 -16.87
N GLN A 282 0.50 -11.78 -17.19
CA GLN A 282 0.70 -10.68 -16.25
C GLN A 282 -0.62 -10.01 -15.88
N THR A 283 -1.49 -9.78 -16.86
CA THR A 283 -2.80 -9.19 -16.55
C THR A 283 -3.56 -10.04 -15.54
N LEU A 284 -3.60 -11.35 -15.78
CA LEU A 284 -4.32 -12.24 -14.87
C LEU A 284 -3.67 -12.25 -13.49
N LEU A 285 -2.33 -12.26 -13.43
CA LEU A 285 -1.64 -12.19 -12.14
C LEU A 285 -1.92 -10.87 -11.44
N ASP A 286 -1.92 -9.76 -12.19
CA ASP A 286 -2.12 -8.44 -11.58
C ASP A 286 -3.47 -8.35 -10.90
N SER A 287 -4.47 -9.07 -11.41
CA SER A 287 -5.80 -9.00 -10.83
C SER A 287 -5.82 -9.51 -9.39
N ASN A 288 -4.88 -10.38 -9.03
CA ASN A 288 -4.83 -10.92 -7.68
C ASN A 288 -3.62 -10.42 -6.90
N SER A 289 -3.02 -9.32 -7.36
CA SER A 289 -1.98 -8.65 -6.60
C SER A 289 -2.53 -8.13 -5.27
N GLU A 290 -1.62 -7.92 -4.32
CA GLU A 290 -1.99 -7.31 -3.06
C GLU A 290 -2.65 -5.93 -3.27
N GLN A 291 -2.16 -5.17 -4.25
CA GLN A 291 -2.74 -3.86 -4.52
C GLN A 291 -4.23 -3.96 -4.81
N ILE A 292 -4.61 -4.89 -5.68
CA ILE A 292 -6.01 -5.04 -6.09
C ILE A 292 -6.84 -5.75 -5.02
N VAL A 293 -6.29 -6.79 -4.39
CA VAL A 293 -7.08 -7.59 -3.46
C VAL A 293 -7.29 -6.90 -2.12
N MET A 294 -6.28 -6.19 -1.62
CA MET A 294 -6.26 -5.76 -0.23
C MET A 294 -6.40 -4.24 -0.06
N LYS A 295 -6.30 -3.45 -1.12
CA LYS A 295 -6.32 -2.01 -0.97
C LYS A 295 -7.44 -1.39 -1.77
N PRO A 296 -7.87 -0.18 -1.41
CA PRO A 296 -8.84 0.53 -2.25
C PRO A 296 -8.18 1.02 -3.54
N ASN A 297 -8.91 0.91 -4.65
CA ASN A 297 -8.41 1.42 -5.92
C ASN A 297 -9.50 2.25 -6.59
N LYS A 298 -9.13 3.42 -7.11
CA LYS A 298 -10.09 4.25 -7.84
C LYS A 298 -10.59 3.49 -9.06
N VAL A 299 -11.92 3.48 -9.28
CA VAL A 299 -12.47 2.81 -10.45
C VAL A 299 -12.60 3.81 -11.60
N THR A 300 -12.66 3.27 -12.82
CA THR A 300 -12.90 4.08 -14.01
C THR A 300 -14.07 3.50 -14.79
N ALA A 301 -14.96 4.37 -15.23
CA ALA A 301 -16.13 3.94 -15.98
C ALA A 301 -15.71 3.32 -17.32
N ILE A 302 -16.47 2.36 -17.79
CA ILE A 302 -16.11 1.60 -18.99
C ILE A 302 -16.44 2.43 -20.23
N SER A 303 -15.43 2.67 -21.06
CA SER A 303 -15.65 3.32 -22.34
C SER A 303 -16.09 2.32 -23.40
N LYS A 304 -15.37 1.19 -23.49
CA LYS A 304 -15.68 0.13 -24.46
C LYS A 304 -15.40 -1.21 -23.81
N GLU A 305 -16.44 -1.95 -23.46
CA GLU A 305 -16.23 -3.30 -22.99
C GLU A 305 -15.59 -4.15 -24.09
N PRO A 306 -14.58 -4.96 -23.79
CA PRO A 306 -13.96 -5.77 -24.84
C PRO A 306 -15.00 -6.64 -25.54
N SER A 307 -14.83 -6.83 -26.85
CA SER A 307 -15.77 -7.67 -27.58
C SER A 307 -15.49 -9.15 -27.38
N VAL A 308 -14.25 -9.53 -27.07
CA VAL A 308 -13.89 -10.91 -26.77
C VAL A 308 -13.27 -10.96 -25.38
N LYS A 309 -13.79 -11.83 -24.51
CA LYS A 309 -13.51 -11.72 -23.08
C LYS A 309 -13.16 -13.08 -22.49
N MET A 310 -12.55 -13.03 -21.30
CA MET A 310 -12.44 -14.20 -20.44
C MET A 310 -12.70 -13.76 -19.01
N TYR A 311 -12.97 -14.73 -18.15
CA TYR A 311 -13.40 -14.44 -16.78
C TYR A 311 -12.70 -15.40 -15.84
N HIS A 312 -12.41 -14.95 -14.61
CA HIS A 312 -11.92 -15.90 -13.61
C HIS A 312 -12.27 -15.42 -12.20
N LYS A 313 -11.96 -16.28 -11.23
CA LYS A 313 -12.14 -15.96 -9.82
C LYS A 313 -11.33 -16.94 -9.00
N THR A 314 -10.58 -16.42 -8.02
CA THR A 314 -9.93 -17.22 -6.99
C THR A 314 -10.83 -17.30 -5.75
N GLY A 315 -10.66 -18.37 -4.99
CA GLY A 315 -11.36 -18.45 -3.72
C GLY A 315 -10.55 -19.26 -2.73
N SER A 316 -10.58 -18.87 -1.45
CA SER A 316 -9.90 -19.65 -0.42
C SER A 316 -10.70 -19.64 0.86
N THR A 317 -10.60 -20.72 1.62
CA THR A 317 -10.91 -20.71 3.05
C THR A 317 -9.62 -21.06 3.80
N THR A 318 -9.73 -21.17 5.12
N THR A 318 -9.74 -21.21 5.11
CA THR A 318 -8.55 -21.55 5.90
CA THR A 318 -8.56 -21.53 5.90
C THR A 318 -7.92 -22.82 5.34
C THR A 318 -7.93 -22.87 5.51
N GLY A 319 -8.73 -23.79 4.95
CA GLY A 319 -8.21 -25.09 4.57
C GLY A 319 -8.26 -25.46 3.09
N PHE A 320 -8.74 -24.57 2.21
CA PHE A 320 -9.06 -24.93 0.82
C PHE A 320 -8.64 -23.82 -0.14
N GLY A 321 -8.31 -24.22 -1.37
CA GLY A 321 -8.12 -23.29 -2.46
C GLY A 321 -8.97 -23.65 -3.66
N THR A 322 -9.38 -22.61 -4.40
CA THR A 322 -10.24 -22.75 -5.56
C THR A 322 -9.77 -21.77 -6.61
N TYR A 323 -9.85 -22.19 -7.88
CA TYR A 323 -9.72 -21.28 -9.00
C TYR A 323 -10.66 -21.73 -10.12
N VAL A 324 -11.39 -20.79 -10.71
CA VAL A 324 -12.22 -21.10 -11.87
C VAL A 324 -11.94 -20.07 -12.97
N VAL A 325 -12.00 -20.52 -14.23
CA VAL A 325 -11.70 -19.63 -15.36
C VAL A 325 -12.44 -20.17 -16.58
N PHE A 326 -12.96 -19.27 -17.42
CA PHE A 326 -13.58 -19.75 -18.67
C PHE A 326 -13.44 -18.69 -19.77
N ILE A 327 -13.49 -19.19 -21.01
CA ILE A 327 -13.27 -18.34 -22.18
C ILE A 327 -14.37 -18.66 -23.19
N PRO A 328 -15.42 -17.82 -23.31
CA PRO A 328 -16.52 -18.18 -24.22
C PRO A 328 -16.09 -18.48 -25.65
N LYS A 329 -15.21 -17.66 -26.24
CA LYS A 329 -14.90 -17.87 -27.65
C LYS A 329 -14.22 -19.21 -27.90
N GLU A 330 -13.50 -19.74 -26.90
CA GLU A 330 -12.85 -21.03 -27.04
C GLU A 330 -13.70 -22.17 -26.51
N ASN A 331 -14.87 -21.90 -25.93
N ASN A 331 -14.89 -21.88 -25.97
CA ASN A 331 -15.73 -22.93 -25.37
CA ASN A 331 -15.76 -22.87 -25.33
C ASN A 331 -14.97 -23.81 -24.38
C ASN A 331 -14.96 -23.79 -24.42
N ILE A 332 -14.19 -23.18 -23.52
CA ILE A 332 -13.29 -23.92 -22.63
C ILE A 332 -13.30 -23.28 -21.25
N GLY A 333 -13.11 -24.11 -20.24
CA GLY A 333 -12.95 -23.61 -18.89
C GLY A 333 -12.17 -24.59 -18.05
N LEU A 334 -11.72 -24.12 -16.89
CA LEU A 334 -10.96 -24.96 -15.98
C LEU A 334 -11.36 -24.66 -14.55
N VAL A 335 -11.38 -25.71 -13.72
CA VAL A 335 -11.62 -25.59 -12.29
C VAL A 335 -10.49 -26.28 -11.56
N MET A 336 -9.94 -25.63 -10.52
CA MET A 336 -9.00 -26.25 -9.60
C MET A 336 -9.56 -26.20 -8.18
N LEU A 337 -9.54 -27.34 -7.48
CA LEU A 337 -9.95 -27.44 -6.07
C LEU A 337 -8.85 -28.14 -5.30
N THR A 338 -8.40 -27.53 -4.19
CA THR A 338 -7.43 -28.17 -3.31
C THR A 338 -7.94 -28.13 -1.88
N ASN A 339 -7.56 -29.13 -1.08
CA ASN A 339 -7.85 -29.07 0.35
C ASN A 339 -6.63 -28.67 1.18
N LYS A 340 -5.82 -27.77 0.60
CA LYS A 340 -4.90 -26.91 1.33
C LYS A 340 -4.74 -25.67 0.45
N ARG A 341 -4.68 -24.50 1.08
CA ARG A 341 -4.43 -23.27 0.34
C ARG A 341 -3.11 -23.34 -0.40
N ILE A 342 -3.08 -22.83 -1.62
CA ILE A 342 -1.80 -22.57 -2.27
C ILE A 342 -1.85 -21.17 -2.86
N PRO A 343 -0.70 -20.56 -3.12
CA PRO A 343 -0.70 -19.16 -3.54
C PRO A 343 -1.55 -18.95 -4.79
N ASN A 344 -2.31 -17.85 -4.81
CA ASN A 344 -3.19 -17.60 -5.95
C ASN A 344 -2.40 -17.52 -7.26
N GLU A 345 -1.18 -16.97 -7.20
N GLU A 345 -1.20 -16.94 -7.22
CA GLU A 345 -0.39 -16.83 -8.42
CA GLU A 345 -0.42 -16.85 -8.45
C GLU A 345 0.00 -18.18 -9.01
C GLU A 345 -0.14 -18.22 -9.03
N GLU A 346 0.11 -19.22 -8.17
CA GLU A 346 0.36 -20.56 -8.68
C GLU A 346 -0.86 -21.12 -9.38
N ARG A 347 -2.06 -20.87 -8.84
CA ARG A 347 -3.28 -21.36 -9.46
C ARG A 347 -3.46 -20.74 -10.84
N ILE A 348 -3.25 -19.42 -10.93
CA ILE A 348 -3.42 -18.69 -12.19
C ILE A 348 -2.38 -19.14 -13.22
N LYS A 349 -1.14 -19.31 -12.79
CA LYS A 349 -0.06 -19.70 -13.71
C LYS A 349 -0.29 -21.11 -14.25
N ALA A 350 -0.68 -22.05 -13.39
CA ALA A 350 -0.86 -23.42 -13.87
C ALA A 350 -2.04 -23.50 -14.83
N ALA A 351 -3.14 -22.82 -14.50
CA ALA A 351 -4.29 -22.81 -15.40
C ALA A 351 -3.95 -22.16 -16.74
N TYR A 352 -3.20 -21.06 -16.71
CA TYR A 352 -2.76 -20.41 -17.94
C TYR A 352 -1.96 -21.35 -18.83
N ALA A 353 -1.02 -22.08 -18.22
CA ALA A 353 -0.21 -23.00 -19.00
C ALA A 353 -1.08 -24.09 -19.64
N VAL A 354 -2.05 -24.61 -18.89
CA VAL A 354 -2.88 -25.69 -19.45
C VAL A 354 -3.77 -25.14 -20.57
N LEU A 355 -4.48 -24.05 -20.30
CA LEU A 355 -5.46 -23.59 -21.29
C LEU A 355 -4.80 -23.09 -22.57
N ASN A 356 -3.56 -22.62 -22.48
CA ASN A 356 -2.90 -22.12 -23.67
C ASN A 356 -2.11 -23.17 -24.43
N ALA A 357 -1.79 -24.30 -23.80
CA ALA A 357 -1.13 -25.40 -24.46
C ALA A 357 -2.12 -26.38 -25.08
N ILE A 358 -3.37 -26.38 -24.64
CA ILE A 358 -4.32 -27.39 -25.07
C ILE A 358 -4.67 -27.18 -26.53
N LYS A 359 -4.72 -28.27 -27.29
CA LYS A 359 -5.10 -28.16 -28.70
C LYS A 359 -6.56 -27.71 -28.77
N LYS A 360 -6.80 -26.69 -29.58
CA LYS A 360 -8.13 -26.13 -29.70
C LYS A 360 -8.90 -26.88 -30.77
N ASN B 2 46.83 23.30 11.52
CA ASN B 2 46.92 23.95 10.22
C ASN B 2 47.82 23.18 9.26
N THR B 3 47.33 22.04 8.79
CA THR B 3 48.07 21.18 7.88
C THR B 3 47.94 21.70 6.45
N PRO B 4 48.58 21.06 5.48
CA PRO B 4 48.32 21.40 4.08
C PRO B 4 46.88 21.15 3.68
N LYS B 5 46.23 20.14 4.27
CA LYS B 5 44.83 19.87 3.95
C LYS B 5 43.92 20.94 4.56
N ASP B 6 44.17 21.30 5.82
CA ASP B 6 43.50 22.45 6.42
C ASP B 6 43.55 23.65 5.49
N GLN B 7 44.74 23.95 4.98
CA GLN B 7 44.93 25.14 4.15
C GLN B 7 44.26 24.98 2.79
N GLU B 8 44.43 23.83 2.14
CA GLU B 8 43.76 23.58 0.87
C GLU B 8 42.24 23.73 1.02
N ILE B 9 41.66 23.16 2.07
CA ILE B 9 40.21 23.19 2.22
C ILE B 9 39.73 24.60 2.56
N LYS B 10 40.42 25.28 3.47
CA LYS B 10 40.06 26.67 3.75
C LYS B 10 40.14 27.51 2.48
N LYS B 11 41.15 27.23 1.64
CA LYS B 11 41.27 27.94 0.36
C LYS B 11 40.05 27.69 -0.51
N LEU B 12 39.64 26.42 -0.63
CA LEU B 12 38.50 26.08 -1.48
C LEU B 12 37.21 26.69 -0.97
N VAL B 13 36.99 26.68 0.35
CA VAL B 13 35.78 27.28 0.89
C VAL B 13 35.81 28.79 0.72
N ASP B 14 36.99 29.40 0.84
CA ASP B 14 37.13 30.83 0.58
C ASP B 14 36.79 31.16 -0.86
N GLN B 15 37.20 30.29 -1.81
CA GLN B 15 36.99 30.60 -3.21
C GLN B 15 35.53 30.43 -3.60
N ASN B 16 34.88 29.44 -3.02
CA ASN B 16 33.56 29.02 -3.48
C ASN B 16 32.41 29.45 -2.56
N PHE B 17 32.61 29.48 -1.24
CA PHE B 17 31.54 29.88 -0.33
C PHE B 17 31.63 31.33 0.11
N LYS B 18 32.83 31.83 0.41
CA LYS B 18 32.96 33.18 0.93
C LYS B 18 32.35 34.23 0.01
N PRO B 19 32.47 34.15 -1.32
CA PRO B 19 31.83 35.17 -2.16
C PRO B 19 30.34 35.26 -1.99
N LEU B 20 29.68 34.18 -1.57
CA LEU B 20 28.23 34.21 -1.38
C LEU B 20 27.81 35.20 -0.31
N LEU B 21 28.69 35.46 0.68
CA LEU B 21 28.38 36.39 1.74
C LEU B 21 28.09 37.78 1.20
N GLU B 22 28.97 38.31 0.36
CA GLU B 22 28.75 39.63 -0.22
C GLU B 22 27.61 39.60 -1.23
N LYS B 23 27.52 38.52 -2.03
CA LYS B 23 26.52 38.48 -3.09
C LYS B 23 25.11 38.58 -2.54
N TYR B 24 24.86 37.94 -1.38
CA TYR B 24 23.53 37.89 -0.79
C TYR B 24 23.44 38.61 0.55
N ASP B 25 24.47 39.37 0.93
CA ASP B 25 24.46 40.14 2.19
C ASP B 25 24.12 39.22 3.37
N VAL B 26 24.84 38.11 3.45
CA VAL B 26 24.64 37.10 4.48
C VAL B 26 25.47 37.49 5.70
N PRO B 27 24.86 37.67 6.88
CA PRO B 27 25.68 38.09 8.04
C PRO B 27 26.67 37.04 8.52
N GLY B 28 26.30 35.76 8.54
CA GLY B 28 27.15 34.74 9.13
C GLY B 28 27.02 33.41 8.41
N MET B 29 28.10 32.63 8.45
CA MET B 29 28.11 31.34 7.75
C MET B 29 29.07 30.37 8.43
N ALA B 30 28.69 29.09 8.48
CA ALA B 30 29.57 28.04 8.93
C ALA B 30 29.63 26.98 7.84
N VAL B 31 30.84 26.64 7.40
CA VAL B 31 31.03 25.59 6.41
C VAL B 31 31.97 24.55 7.00
N GLY B 32 31.57 23.29 6.92
CA GLY B 32 32.38 22.20 7.41
C GLY B 32 32.59 21.13 6.37
N VAL B 33 33.79 20.54 6.38
CA VAL B 33 34.08 19.35 5.58
C VAL B 33 34.57 18.27 6.53
N ILE B 34 34.10 17.05 6.33
CA ILE B 34 34.67 15.89 7.00
C ILE B 34 35.21 14.95 5.94
N GLN B 35 36.48 14.58 6.07
CA GLN B 35 37.13 13.66 5.15
C GLN B 35 37.96 12.69 5.97
N ASN B 36 37.77 11.39 5.73
CA ASN B 36 38.55 10.35 6.40
C ASN B 36 38.51 10.48 7.91
N ASN B 37 37.37 10.93 8.44
N ASN B 37 37.37 10.93 8.46
CA ASN B 37 37.12 11.05 9.87
CA ASN B 37 37.10 11.04 9.90
C ASN B 37 37.82 12.26 10.49
C ASN B 37 37.52 12.41 10.44
N LYS B 38 38.21 13.22 9.67
CA LYS B 38 38.80 14.47 10.14
C LYS B 38 37.87 15.63 9.79
N LYS B 39 37.52 16.44 10.78
CA LYS B 39 36.64 17.58 10.59
C LYS B 39 37.43 18.83 10.23
N TYR B 40 36.87 19.63 9.32
CA TYR B 40 37.43 20.91 8.92
C TYR B 40 36.34 21.96 9.05
N GLU B 41 36.55 22.96 9.91
CA GLU B 41 35.52 23.94 10.25
C GLU B 41 35.95 25.34 9.85
N MET B 42 35.06 26.04 9.14
CA MET B 42 35.32 27.39 8.68
C MET B 42 34.13 28.28 9.03
N TYR B 43 34.40 29.38 9.74
CA TYR B 43 33.37 30.28 10.23
C TYR B 43 33.57 31.66 9.63
N TYR B 44 32.45 32.31 9.29
CA TYR B 44 32.45 33.64 8.71
C TYR B 44 31.43 34.52 9.41
N GLY B 45 31.80 35.77 9.65
CA GLY B 45 30.80 36.77 9.99
C GLY B 45 30.21 36.63 11.38
N LEU B 46 28.97 37.12 11.51
CA LEU B 46 28.33 37.32 12.80
C LEU B 46 27.11 36.42 12.95
N GLN B 47 27.02 35.73 14.08
CA GLN B 47 25.78 35.03 14.42
C GLN B 47 24.69 36.02 14.81
N SER B 48 25.07 37.19 15.34
CA SER B 48 24.16 38.27 15.70
C SER B 48 24.82 39.59 15.34
N VAL B 49 24.20 40.31 14.41
CA VAL B 49 24.73 41.60 14.00
C VAL B 49 24.65 42.62 15.14
N GLN B 50 23.51 42.70 15.81
CA GLN B 50 23.33 43.70 16.86
C GLN B 50 24.26 43.47 18.04
N ASP B 51 24.61 42.22 18.29
CA ASP B 51 25.48 41.90 19.43
C ASP B 51 26.94 41.83 19.04
N LYS B 52 27.24 41.90 17.74
CA LYS B 52 28.60 41.67 17.23
C LYS B 52 29.20 40.40 17.82
N LYS B 53 28.38 39.34 17.84
CA LYS B 53 28.83 38.01 18.25
C LYS B 53 29.19 37.22 17.01
N ALA B 54 30.43 36.73 16.96
CA ALA B 54 30.91 36.02 15.78
C ALA B 54 30.29 34.63 15.68
N VAL B 55 30.06 34.18 14.44
CA VAL B 55 29.78 32.77 14.20
C VAL B 55 30.99 31.98 14.68
N ASN B 56 30.72 30.90 15.42
CA ASN B 56 31.79 30.08 15.97
C ASN B 56 31.29 28.65 16.11
N SER B 57 32.14 27.79 16.66
CA SER B 57 31.78 26.38 16.80
C SER B 57 30.61 26.14 17.74
N SER B 58 30.22 27.14 18.55
CA SER B 58 29.05 27.03 19.42
C SER B 58 27.76 27.55 18.78
N THR B 59 27.85 28.23 17.64
CA THR B 59 26.68 28.90 17.08
C THR B 59 25.64 27.87 16.64
N ILE B 60 24.41 28.09 17.08
CA ILE B 60 23.28 27.22 16.76
C ILE B 60 22.50 27.85 15.61
N PHE B 61 22.28 27.08 14.55
CA PHE B 61 21.56 27.52 13.36
C PHE B 61 20.28 26.70 13.20
N GLU B 62 19.27 27.30 12.56
CA GLU B 62 18.06 26.56 12.20
C GLU B 62 18.33 25.73 10.94
N LEU B 63 17.97 24.43 10.97
CA LEU B 63 18.25 23.52 9.86
C LEU B 63 17.12 23.49 8.83
N GLY B 64 15.96 24.06 9.12
CA GLY B 64 14.88 23.98 8.15
C GLY B 64 14.58 22.53 7.83
N SER B 65 14.35 22.26 6.54
CA SER B 65 13.98 20.92 6.12
C SER B 65 15.07 19.89 6.29
N VAL B 66 16.32 20.28 6.62
CA VAL B 66 17.29 19.25 6.95
C VAL B 66 16.88 18.53 8.24
N SER B 67 16.01 19.16 9.03
CA SER B 67 15.38 18.48 10.16
C SER B 67 14.72 17.17 9.75
N LYS B 68 14.21 17.11 8.52
CA LYS B 68 13.54 15.91 8.04
C LYS B 68 14.45 14.70 8.08
N LEU B 69 15.77 14.92 8.02
CA LEU B 69 16.72 13.80 8.11
C LEU B 69 16.74 13.19 9.49
N PHE B 70 16.56 14.02 10.54
CA PHE B 70 16.45 13.49 11.89
C PHE B 70 15.10 12.80 12.07
N THR B 71 14.03 13.35 11.50
CA THR B 71 12.74 12.66 11.49
C THR B 71 12.87 11.30 10.83
N ALA B 72 13.52 11.26 9.67
CA ALA B 72 13.75 9.98 8.99
C ALA B 72 14.53 9.01 9.87
N THR B 73 15.60 9.49 10.50
CA THR B 73 16.41 8.61 11.34
C THR B 73 15.59 8.10 12.53
N ALA B 74 14.78 8.97 13.13
CA ALA B 74 13.87 8.55 14.19
C ALA B 74 12.97 7.40 13.73
N GLY B 75 12.41 7.52 12.52
CA GLY B 75 11.54 6.47 12.01
C GLY B 75 12.27 5.18 11.73
N GLY B 76 13.49 5.26 11.18
CA GLY B 76 14.29 4.06 10.99
C GLY B 76 14.67 3.42 12.31
N TYR B 77 14.90 4.23 13.34
CA TYR B 77 15.14 3.71 14.68
C TYR B 77 13.93 2.94 15.21
N ALA B 78 12.76 3.58 15.17
CA ALA B 78 11.54 2.94 15.65
C ALA B 78 11.22 1.67 14.87
N LYS B 79 11.37 1.71 13.55
CA LYS B 79 11.07 0.55 12.72
C LYS B 79 11.97 -0.62 13.10
N ASN B 80 13.26 -0.36 13.30
CA ASN B 80 14.19 -1.44 13.60
C ASN B 80 14.11 -1.91 15.05
N LYS B 81 13.47 -1.14 15.94
CA LYS B 81 13.15 -1.62 17.27
C LYS B 81 11.83 -2.42 17.32
N GLY B 82 11.14 -2.56 16.20
CA GLY B 82 9.85 -3.20 16.19
C GLY B 82 8.70 -2.33 16.68
N LYS B 83 8.92 -1.03 16.84
CA LYS B 83 7.86 -0.15 17.32
C LYS B 83 6.89 0.23 16.20
N ILE B 84 7.34 0.23 14.95
CA ILE B 84 6.47 0.46 13.80
C ILE B 84 6.89 -0.49 12.70
N SER B 85 5.97 -0.70 11.76
CA SER B 85 6.24 -1.19 10.43
C SER B 85 5.92 -0.09 9.42
N PHE B 86 6.74 0.04 8.39
CA PHE B 86 6.45 1.02 7.35
C PHE B 86 5.17 0.69 6.58
N ASP B 87 4.68 -0.55 6.68
CA ASP B 87 3.40 -0.91 6.09
C ASP B 87 2.23 -0.50 6.96
N ASP B 88 2.48 -0.06 8.19
CA ASP B 88 1.40 0.39 9.06
C ASP B 88 0.78 1.67 8.52
N THR B 89 -0.42 1.97 8.99
CA THR B 89 -1.09 3.21 8.66
C THR B 89 -1.22 4.08 9.93
N PRO B 90 -1.40 5.39 9.78
CA PRO B 90 -1.27 6.28 10.95
C PRO B 90 -2.31 6.02 12.03
N GLY B 91 -3.51 5.58 11.67
CA GLY B 91 -4.56 5.35 12.64
C GLY B 91 -4.27 4.21 13.59
N LYS B 92 -3.25 3.40 13.32
CA LYS B 92 -2.82 2.38 14.26
C LYS B 92 -2.19 3.02 15.49
N TYR B 93 -1.64 4.22 15.35
CA TYR B 93 -0.95 4.91 16.43
C TYR B 93 -1.67 6.17 16.86
N TRP B 94 -2.17 6.95 15.92
CA TRP B 94 -3.02 8.10 16.22
C TRP B 94 -4.46 7.59 16.07
N LYS B 95 -5.03 7.12 17.17
CA LYS B 95 -6.26 6.31 17.07
C LYS B 95 -7.43 7.10 16.52
N GLU B 96 -7.44 8.43 16.70
CA GLU B 96 -8.52 9.25 16.17
C GLU B 96 -8.56 9.25 14.64
N LEU B 97 -7.48 8.83 13.99
CA LEU B 97 -7.45 8.73 12.52
C LEU B 97 -7.96 7.39 12.01
N LYS B 98 -8.24 6.44 12.89
CA LYS B 98 -8.75 5.15 12.42
C LYS B 98 -10.05 5.34 11.66
N ASN B 99 -10.18 4.64 10.53
CA ASN B 99 -11.40 4.63 9.73
C ASN B 99 -11.65 5.95 9.02
N THR B 100 -10.62 6.76 8.85
CA THR B 100 -10.67 7.93 8.00
C THR B 100 -9.83 7.67 6.76
N PRO B 101 -10.01 8.46 5.69
CA PRO B 101 -9.29 8.15 4.45
C PRO B 101 -7.78 8.19 4.58
N ILE B 102 -7.23 9.08 5.40
CA ILE B 102 -5.78 9.15 5.54
C ILE B 102 -5.20 7.88 6.14
N ASP B 103 -6.02 7.08 6.84
CA ASP B 103 -5.59 5.79 7.38
C ASP B 103 -5.49 4.72 6.30
N GLN B 104 -5.63 5.11 5.03
CA GLN B 104 -5.34 4.28 3.87
C GLN B 104 -3.95 4.55 3.29
N VAL B 105 -3.20 5.48 3.89
CA VAL B 105 -1.83 5.80 3.48
C VAL B 105 -0.90 5.17 4.50
N ASN B 106 0.14 4.48 4.05
CA ASN B 106 1.03 3.86 5.03
C ASN B 106 2.20 4.78 5.40
N LEU B 107 2.97 4.35 6.41
CA LEU B 107 3.97 5.25 6.98
C LEU B 107 5.09 5.54 6.00
N LEU B 108 5.48 4.55 5.18
CA LEU B 108 6.51 4.83 4.17
C LEU B 108 6.02 5.88 3.19
N GLN B 109 4.75 5.80 2.79
CA GLN B 109 4.20 6.75 1.83
C GLN B 109 4.11 8.14 2.44
N LEU B 110 3.79 8.25 3.74
CA LEU B 110 3.80 9.55 4.40
C LEU B 110 5.21 10.10 4.47
N ALA B 111 6.18 9.25 4.84
CA ALA B 111 7.55 9.74 5.00
C ALA B 111 8.14 10.19 3.67
N THR B 112 7.76 9.54 2.57
CA THR B 112 8.32 9.83 1.26
C THR B 112 7.32 10.54 0.36
N TYR B 113 6.29 11.17 0.94
CA TYR B 113 5.49 12.20 0.28
C TYR B 113 4.62 11.66 -0.85
N THR B 114 4.09 10.43 -0.76
CA THR B 114 3.29 9.90 -1.86
C THR B 114 1.83 9.63 -1.48
N SER B 115 1.28 10.39 -0.52
CA SER B 115 -0.13 10.20 -0.18
C SER B 115 -1.06 10.52 -1.34
N GLY B 116 -0.63 11.37 -2.26
CA GLY B 116 -1.45 11.72 -3.41
C GLY B 116 -2.30 12.95 -3.22
N ASN B 117 -2.29 13.56 -2.04
CA ASN B 117 -3.01 14.82 -1.84
C ASN B 117 -2.51 15.59 -0.63
N LEU B 118 -1.20 15.86 -0.55
CA LEU B 118 -0.67 16.70 0.51
C LEU B 118 0.35 17.65 -0.09
N ALA B 119 0.14 18.93 0.15
CA ALA B 119 0.94 19.97 -0.47
C ALA B 119 2.16 20.30 0.39
N LEU B 120 2.96 21.27 -0.08
CA LEU B 120 4.19 21.63 0.63
C LEU B 120 3.91 22.00 2.09
N GLN B 121 2.89 22.82 2.32
N GLN B 121 2.90 22.83 2.34
CA GLN B 121 2.55 23.35 3.64
CA GLN B 121 2.61 23.31 3.67
C GLN B 121 1.15 22.94 4.04
C GLN B 121 1.15 23.05 4.04
N PHE B 122 0.91 22.97 5.35
CA PHE B 122 -0.47 23.01 5.84
C PHE B 122 -1.16 24.27 5.31
N PRO B 123 -2.48 24.26 5.17
CA PRO B 123 -3.21 25.51 4.97
C PRO B 123 -2.91 26.50 6.09
N ASP B 124 -2.91 27.79 5.74
CA ASP B 124 -2.52 28.81 6.72
C ASP B 124 -3.41 28.77 7.96
N GLU B 125 -4.67 28.40 7.83
CA GLU B 125 -5.59 28.45 8.96
C GLU B 125 -5.48 27.25 9.89
N VAL B 126 -4.64 26.27 9.55
CA VAL B 126 -4.44 25.12 10.44
C VAL B 126 -3.30 25.46 11.39
N LYS B 127 -3.64 25.72 12.64
CA LYS B 127 -2.63 26.13 13.61
C LYS B 127 -2.66 25.29 14.88
N THR B 128 -3.84 25.12 15.49
CA THR B 128 -3.93 24.45 16.78
C THR B 128 -3.92 22.93 16.62
N ASP B 129 -3.71 22.23 17.73
CA ASP B 129 -3.71 20.77 17.64
C ASP B 129 -5.05 20.25 17.10
N GLN B 130 -6.17 20.83 17.59
CA GLN B 130 -7.49 20.39 17.11
C GLN B 130 -7.65 20.66 15.62
N GLN B 131 -7.17 21.80 15.13
CA GLN B 131 -7.23 22.08 13.69
C GLN B 131 -6.36 21.11 12.89
N VAL B 132 -5.22 20.70 13.44
CA VAL B 132 -4.39 19.69 12.77
C VAL B 132 -5.12 18.35 12.72
N LEU B 133 -5.70 17.93 13.85
CA LEU B 133 -6.49 16.70 13.85
C LEU B 133 -7.62 16.77 12.82
N THR B 134 -8.37 17.87 12.82
CA THR B 134 -9.51 18.00 11.92
C THR B 134 -9.06 17.98 10.45
N PHE B 135 -7.92 18.61 10.16
CA PHE B 135 -7.37 18.57 8.82
C PHE B 135 -7.16 17.14 8.35
N PHE B 136 -6.56 16.30 9.19
CA PHE B 136 -6.29 14.93 8.76
C PHE B 136 -7.54 14.05 8.77
N LYS B 137 -8.49 14.30 9.70
CA LYS B 137 -9.75 13.55 9.67
C LYS B 137 -10.58 13.87 8.43
N ASP B 138 -10.50 15.11 7.95
CA ASP B 138 -11.27 15.58 6.79
C ASP B 138 -10.57 15.27 5.47
N TRP B 139 -9.31 14.88 5.52
CA TRP B 139 -8.54 14.61 4.32
C TRP B 139 -9.19 13.53 3.47
N LYS B 140 -9.12 13.72 2.15
N LYS B 140 -9.12 13.73 2.16
CA LYS B 140 -9.59 12.74 1.19
CA LYS B 140 -9.58 12.74 1.19
C LYS B 140 -8.54 12.57 0.10
C LYS B 140 -8.53 12.56 0.11
N PRO B 141 -8.42 11.36 -0.46
CA PRO B 141 -7.41 11.14 -1.49
C PRO B 141 -7.75 11.86 -2.77
N LYS B 142 -6.70 12.12 -3.54
CA LYS B 142 -6.87 12.70 -4.87
C LYS B 142 -6.18 11.78 -5.88
N ASN B 143 -4.85 11.84 -5.95
CA ASN B 143 -4.14 10.92 -6.84
C ASN B 143 -4.07 9.52 -6.22
N SER B 144 -3.78 8.53 -7.07
CA SER B 144 -3.64 7.16 -6.60
C SER B 144 -2.59 7.11 -5.50
N ILE B 145 -2.97 6.57 -4.34
CA ILE B 145 -2.07 6.56 -3.20
C ILE B 145 -0.78 5.83 -3.56
N GLY B 146 0.36 6.45 -3.24
CA GLY B 146 1.66 5.86 -3.51
C GLY B 146 2.26 6.19 -4.86
N GLU B 147 1.49 6.76 -5.78
CA GLU B 147 1.96 6.92 -7.15
C GLU B 147 2.65 8.27 -7.40
N TYR B 148 2.30 9.32 -6.67
CA TYR B 148 2.78 10.67 -6.95
C TYR B 148 3.52 11.25 -5.76
N ARG B 149 4.74 11.72 -6.00
CA ARG B 149 5.53 12.41 -4.97
C ARG B 149 5.20 13.90 -5.00
N GLN B 150 4.76 14.43 -3.88
CA GLN B 150 4.68 15.88 -3.72
C GLN B 150 5.32 16.23 -2.39
N TYR B 151 6.48 16.87 -2.46
CA TYR B 151 7.24 17.22 -1.28
C TYR B 151 6.35 17.98 -0.31
N SER B 152 6.30 17.53 0.96
CA SER B 152 5.22 17.94 1.85
C SER B 152 5.62 17.91 3.32
N ASN B 153 5.53 19.07 3.98
CA ASN B 153 5.64 19.13 5.44
C ASN B 153 4.53 18.38 6.17
N PRO B 154 3.24 18.55 5.87
CA PRO B 154 2.23 17.79 6.61
C PRO B 154 2.41 16.28 6.45
N SER B 155 2.94 15.82 5.33
CA SER B 155 3.11 14.38 5.11
C SER B 155 4.16 13.80 6.05
N ILE B 156 5.40 14.32 5.99
CA ILE B 156 6.44 13.77 6.86
C ILE B 156 6.22 14.23 8.30
N GLY B 157 5.52 15.36 8.50
CA GLY B 157 5.13 15.75 9.84
C GLY B 157 4.27 14.71 10.51
N LEU B 158 3.21 14.25 9.83
CA LEU B 158 2.38 13.19 10.38
C LEU B 158 3.19 11.93 10.64
N PHE B 159 4.07 11.56 9.71
CA PHE B 159 4.97 10.44 9.94
C PHE B 159 5.75 10.61 11.23
N GLY B 160 6.36 11.77 11.42
CA GLY B 160 7.11 12.00 12.65
C GLY B 160 6.23 11.92 13.89
N LYS B 161 5.02 12.48 13.81
CA LYS B 161 4.12 12.36 14.95
C LYS B 161 3.83 10.89 15.27
N VAL B 162 3.57 10.08 14.22
CA VAL B 162 3.26 8.67 14.46
C VAL B 162 4.47 7.94 15.04
N VAL B 163 5.67 8.24 14.54
CA VAL B 163 6.88 7.63 15.09
C VAL B 163 6.99 7.93 16.57
N ALA B 164 6.74 9.18 16.95
CA ALA B 164 6.80 9.54 18.36
C ALA B 164 5.77 8.74 19.16
N LEU B 165 4.52 8.69 18.69
CA LEU B 165 3.51 7.88 19.38
C LEU B 165 3.96 6.44 19.52
N SER B 166 4.53 5.85 18.47
CA SER B 166 4.99 4.47 18.56
C SER B 166 6.05 4.29 19.65
N MET B 167 6.77 5.35 20.01
CA MET B 167 7.78 5.28 21.06
C MET B 167 7.31 5.84 22.38
N ASN B 168 6.04 6.24 22.47
N ASN B 168 6.04 6.25 22.48
CA ASN B 168 5.43 6.71 23.71
CA ASN B 168 5.44 6.71 23.72
C ASN B 168 6.17 7.92 24.29
C ASN B 168 6.17 7.92 24.29
N LYS B 169 6.54 8.85 23.42
CA LYS B 169 7.23 10.07 23.83
C LYS B 169 6.88 11.17 22.85
N PRO B 170 6.80 12.42 23.31
CA PRO B 170 6.63 13.54 22.37
C PRO B 170 7.81 13.60 21.40
N PHE B 171 7.54 14.07 20.18
CA PHE B 171 8.57 14.03 19.15
C PHE B 171 9.84 14.76 19.59
N ASP B 172 9.71 15.89 20.28
CA ASP B 172 10.89 16.63 20.69
C ASP B 172 11.77 15.75 21.59
N GLN B 173 11.13 14.92 22.43
CA GLN B 173 11.86 14.04 23.34
C GLN B 173 12.50 12.87 22.61
N VAL B 174 11.81 12.32 21.59
CA VAL B 174 12.42 11.30 20.76
C VAL B 174 13.79 11.76 20.25
N LEU B 175 13.88 13.00 19.77
CA LEU B 175 15.15 13.48 19.24
C LEU B 175 16.12 13.83 20.36
N GLU B 176 15.66 14.58 21.35
CA GLU B 176 16.58 15.13 22.35
C GLU B 176 17.00 14.09 23.38
N LYS B 177 16.13 13.12 23.68
CA LYS B 177 16.45 12.10 24.66
C LYS B 177 16.95 10.79 24.06
N THR B 178 16.67 10.52 22.78
CA THR B 178 17.06 9.24 22.19
C THR B 178 17.94 9.41 20.97
N ILE B 179 17.49 10.13 19.95
CA ILE B 179 18.20 10.13 18.66
C ILE B 179 19.47 10.97 18.73
N PHE B 180 19.37 12.22 19.18
CA PHE B 180 20.56 13.05 19.31
C PHE B 180 21.63 12.36 20.16
N PRO B 181 21.35 11.92 21.39
CA PRO B 181 22.40 11.21 22.16
C PRO B 181 22.99 10.02 21.42
N ALA B 182 22.14 9.19 20.82
CA ALA B 182 22.62 8.02 20.08
C ALA B 182 23.58 8.42 18.97
N LEU B 183 23.40 9.59 18.38
CA LEU B 183 24.28 10.10 17.34
C LEU B 183 25.47 10.86 17.89
N GLY B 184 25.58 11.00 19.21
CA GLY B 184 26.69 11.72 19.80
C GLY B 184 26.63 13.23 19.65
N LEU B 185 25.43 13.78 19.48
CA LEU B 185 25.26 15.22 19.30
C LEU B 185 25.03 15.87 20.66
N LYS B 186 25.73 16.98 20.91
CA LYS B 186 25.71 17.65 22.21
C LYS B 186 24.95 18.96 22.22
N HIS B 187 24.80 19.61 21.07
CA HIS B 187 24.16 20.92 21.01
C HIS B 187 23.19 20.99 19.85
N SER B 188 22.40 19.94 19.69
CA SER B 188 21.30 19.89 18.73
C SER B 188 19.98 19.86 19.50
N TYR B 189 19.00 20.63 19.03
CA TYR B 189 17.79 20.87 19.79
C TYR B 189 16.57 20.99 18.89
N VAL B 190 15.45 20.48 19.40
CA VAL B 190 14.16 20.94 18.93
C VAL B 190 13.77 22.23 19.62
N ASN B 191 13.97 22.30 20.94
CA ASN B 191 13.79 23.54 21.69
C ASN B 191 15.12 23.93 22.31
N VAL B 192 15.64 25.09 21.92
CA VAL B 192 16.91 25.58 22.45
C VAL B 192 16.70 25.99 23.90
N PRO B 193 17.44 25.42 24.85
CA PRO B 193 17.23 25.76 26.25
C PRO B 193 17.78 27.14 26.58
N LYS B 194 17.35 27.65 27.73
CA LYS B 194 17.72 29.01 28.11
C LYS B 194 19.23 29.19 28.14
N THR B 195 19.96 28.20 28.65
CA THR B 195 21.41 28.29 28.76
C THR B 195 22.11 28.32 27.41
N GLN B 196 21.43 27.99 26.32
CA GLN B 196 22.05 28.01 25.00
C GLN B 196 21.56 29.17 24.15
N MET B 197 20.61 29.97 24.65
CA MET B 197 20.08 31.06 23.82
C MET B 197 21.17 32.04 23.44
N GLN B 198 22.19 32.22 24.28
CA GLN B 198 23.34 33.03 23.91
C GLN B 198 24.04 32.50 22.65
N ASN B 199 23.85 31.23 22.33
CA ASN B 199 24.50 30.63 21.18
C ASN B 199 23.58 30.52 19.97
N TYR B 200 22.30 30.83 20.14
CA TYR B 200 21.31 30.72 19.06
C TYR B 200 21.45 31.93 18.14
N ALA B 201 21.92 31.72 16.92
CA ALA B 201 22.03 32.82 15.97
C ALA B 201 20.67 33.48 15.75
N PHE B 202 20.69 34.76 15.43
CA PHE B 202 19.54 35.33 14.76
C PHE B 202 19.59 34.94 13.29
N GLY B 203 18.43 34.62 12.73
CA GLY B 203 18.27 34.62 11.28
C GLY B 203 18.03 36.03 10.80
N TYR B 204 18.16 36.22 9.49
CA TYR B 204 17.98 37.54 8.90
C TYR B 204 17.17 37.37 7.63
N ASN B 205 16.09 38.13 7.52
CA ASN B 205 15.21 38.03 6.36
C ASN B 205 15.77 38.86 5.22
N GLN B 206 15.01 38.95 4.12
CA GLN B 206 15.47 39.66 2.94
C GLN B 206 15.78 41.13 3.21
N GLU B 207 15.21 41.70 4.27
CA GLU B 207 15.51 43.07 4.67
C GLU B 207 16.54 43.15 5.79
N ASN B 208 17.22 42.04 6.08
CA ASN B 208 18.26 41.98 7.12
C ASN B 208 17.71 42.36 8.48
N GLN B 209 16.44 42.07 8.73
CA GLN B 209 15.90 42.14 10.08
C GLN B 209 16.12 40.81 10.80
N PRO B 210 16.51 40.84 12.08
CA PRO B 210 16.70 39.58 12.82
C PRO B 210 15.38 38.89 13.13
N ILE B 211 15.34 37.58 12.86
CA ILE B 211 14.15 36.76 13.00
C ILE B 211 14.55 35.35 13.42
N ARG B 212 13.59 34.61 13.98
CA ARG B 212 13.77 33.19 14.22
C ARG B 212 12.48 32.47 13.84
N VAL B 213 12.56 31.14 13.73
CA VAL B 213 11.41 30.40 13.23
C VAL B 213 10.23 30.59 14.17
N ASN B 214 9.04 30.69 13.59
CA ASN B 214 7.79 30.80 14.33
C ASN B 214 7.20 29.42 14.57
N PRO B 215 6.41 29.26 15.64
CA PRO B 215 5.69 28.01 15.83
C PRO B 215 4.73 27.73 14.67
N GLY B 216 4.58 26.46 14.34
CA GLY B 216 3.64 26.06 13.32
C GLY B 216 3.22 24.61 13.51
N PRO B 217 2.18 24.19 12.78
CA PRO B 217 1.68 22.82 12.97
C PRO B 217 2.69 21.78 12.53
N LEU B 218 2.88 20.77 13.39
CA LEU B 218 3.88 19.72 13.23
C LEU B 218 5.21 20.32 12.79
N ASP B 219 5.57 21.46 13.37
CA ASP B 219 6.81 22.11 12.97
C ASP B 219 8.03 21.25 13.33
N ALA B 220 8.02 20.59 14.48
CA ALA B 220 9.23 19.88 14.90
C ALA B 220 9.66 18.84 13.88
N PRO B 221 8.82 17.88 13.49
CA PRO B 221 9.31 16.84 12.55
C PRO B 221 9.57 17.37 11.14
N ALA B 222 8.95 18.49 10.76
CA ALA B 222 9.08 19.00 9.40
C ALA B 222 10.27 19.92 9.23
N TYR B 223 10.55 20.76 10.23
CA TYR B 223 11.59 21.77 10.00
C TYR B 223 12.08 22.39 11.29
N GLY B 224 11.96 21.67 12.42
CA GLY B 224 12.13 22.27 13.74
C GLY B 224 13.43 22.03 14.49
N VAL B 225 14.47 21.51 13.84
CA VAL B 225 15.73 21.21 14.54
C VAL B 225 16.71 22.36 14.35
N LYS B 226 17.50 22.61 15.40
CA LYS B 226 18.58 23.59 15.39
C LYS B 226 19.86 22.89 15.80
N SER B 227 20.99 23.27 15.18
CA SER B 227 22.22 22.54 15.48
C SER B 227 23.43 23.42 15.20
N THR B 228 24.61 22.91 15.58
CA THR B 228 25.89 23.59 15.39
C THR B 228 26.65 22.92 14.25
N LEU B 229 27.70 23.61 13.76
CA LEU B 229 28.52 22.98 12.73
C LEU B 229 29.23 21.73 13.24
N PRO B 230 29.82 21.69 14.45
CA PRO B 230 30.42 20.42 14.91
C PRO B 230 29.42 19.28 15.00
N ASP B 231 28.21 19.56 15.49
CA ASP B 231 27.21 18.49 15.56
C ASP B 231 26.84 18.00 14.18
N MET B 232 26.63 18.91 13.22
CA MET B 232 26.25 18.48 11.90
C MET B 232 27.38 17.72 11.21
N LEU B 233 28.64 18.06 11.50
CA LEU B 233 29.72 17.23 10.98
C LEU B 233 29.74 15.86 11.65
N SER B 234 29.37 15.78 12.93
CA SER B 234 29.23 14.48 13.58
C SER B 234 28.10 13.68 12.95
N PHE B 235 27.00 14.34 12.62
CA PHE B 235 25.89 13.67 11.94
C PHE B 235 26.35 13.10 10.60
N ILE B 236 27.08 13.89 9.81
CA ILE B 236 27.58 13.40 8.53
C ILE B 236 28.53 12.22 8.74
N HIS B 237 29.41 12.32 9.74
CA HIS B 237 30.28 11.20 10.08
C HIS B 237 29.49 9.93 10.35
N ALA B 238 28.40 10.02 11.11
CA ALA B 238 27.60 8.84 11.40
C ALA B 238 26.96 8.27 10.13
N ASN B 239 26.56 9.15 9.20
CA ASN B 239 26.04 8.66 7.93
C ASN B 239 27.14 8.05 7.08
N LEU B 240 28.37 8.53 7.20
CA LEU B 240 29.49 7.95 6.46
C LEU B 240 30.03 6.68 7.11
N ASN B 241 29.78 6.48 8.40
CA ASN B 241 30.40 5.39 9.15
C ASN B 241 29.40 4.80 10.15
N PRO B 242 28.25 4.33 9.67
CA PRO B 242 27.24 3.83 10.61
C PRO B 242 27.70 2.60 11.39
N GLN B 243 28.64 1.83 10.85
CA GLN B 243 29.18 0.65 11.51
C GLN B 243 30.01 0.99 12.74
N LYS B 244 30.27 2.27 13.00
CA LYS B 244 30.99 2.68 14.20
C LYS B 244 30.05 2.95 15.37
N TYR B 245 28.75 2.91 15.16
CA TYR B 245 27.78 3.24 16.18
C TYR B 245 27.03 2.00 16.64
N PRO B 246 26.41 2.04 17.82
CA PRO B 246 25.67 0.87 18.30
C PRO B 246 24.61 0.43 17.30
N ALA B 247 24.16 -0.82 17.47
CA ALA B 247 23.32 -1.44 16.45
C ALA B 247 22.02 -0.66 16.24
N ASP B 248 21.40 -0.19 17.31
CA ASP B 248 20.09 0.46 17.18
C ASP B 248 20.16 1.66 16.24
N ILE B 249 21.13 2.56 16.46
CA ILE B 249 21.21 3.75 15.61
C ILE B 249 21.86 3.43 14.27
N GLN B 250 22.76 2.45 14.24
CA GLN B 250 23.35 2.03 12.97
C GLN B 250 22.28 1.59 11.99
N ARG B 251 21.36 0.73 12.44
CA ARG B 251 20.29 0.28 11.56
C ARG B 251 19.32 1.40 11.21
N ALA B 252 19.11 2.35 12.13
CA ALA B 252 18.31 3.52 11.79
C ALA B 252 18.94 4.31 10.66
N ILE B 253 20.24 4.58 10.76
CA ILE B 253 20.95 5.32 9.71
C ILE B 253 20.86 4.59 8.37
N ASN B 254 21.18 3.30 8.36
CA ASN B 254 21.12 2.54 7.10
C ASN B 254 19.72 2.59 6.50
N GLU B 255 18.70 2.56 7.35
CA GLU B 255 17.32 2.62 6.87
C GLU B 255 17.07 3.89 6.06
N THR B 256 17.67 5.00 6.46
CA THR B 256 17.45 6.26 5.76
C THR B 256 18.19 6.34 4.43
N HIS B 257 19.15 5.46 4.18
CA HIS B 257 19.91 5.44 2.94
C HIS B 257 19.27 4.62 1.83
N GLN B 258 18.25 3.82 2.13
CA GLN B 258 17.65 2.94 1.12
C GLN B 258 16.68 3.74 0.25
N GLY B 259 16.99 3.85 -1.04
CA GLY B 259 16.06 4.48 -1.96
C GLY B 259 14.78 3.68 -2.07
N ARG B 260 13.66 4.40 -2.13
CA ARG B 260 12.35 3.77 -2.09
C ARG B 260 11.61 3.85 -3.42
N TYR B 261 11.98 4.79 -4.28
CA TYR B 261 11.45 4.90 -5.63
C TYR B 261 12.31 5.95 -6.33
N GLN B 262 12.04 6.15 -7.62
CA GLN B 262 12.83 7.01 -8.49
C GLN B 262 11.94 8.12 -9.05
N VAL B 263 12.50 9.31 -9.19
CA VAL B 263 11.90 10.39 -9.98
C VAL B 263 13.04 10.94 -10.85
N ASN B 264 13.03 10.63 -12.14
CA ASN B 264 14.10 11.07 -13.05
C ASN B 264 15.41 10.56 -12.47
N THR B 265 16.40 11.41 -12.25
CA THR B 265 17.70 10.99 -11.77
C THR B 265 17.80 10.99 -10.24
N MET B 266 16.72 11.29 -9.55
CA MET B 266 16.74 11.33 -8.09
C MET B 266 16.03 10.11 -7.54
N TYR B 267 16.63 9.51 -6.51
CA TYR B 267 16.00 8.46 -5.74
C TYR B 267 15.58 9.03 -4.40
N GLN B 268 14.38 8.72 -3.95
CA GLN B 268 13.88 9.21 -2.67
C GLN B 268 14.17 8.17 -1.60
N ALA B 269 15.12 8.46 -0.72
CA ALA B 269 15.34 7.67 0.47
C ALA B 269 14.54 8.31 1.61
N LEU B 270 14.78 7.90 2.85
CA LEU B 270 14.01 8.46 3.96
C LEU B 270 14.64 9.78 4.35
N GLY B 271 13.97 10.88 3.99
CA GLY B 271 14.54 12.20 4.19
C GLY B 271 15.57 12.52 3.13
N TRP B 272 16.64 11.73 3.07
CA TRP B 272 17.72 11.99 2.13
C TRP B 272 17.27 11.83 0.69
N GLU B 273 17.78 12.70 -0.18
CA GLU B 273 17.73 12.50 -1.63
C GLU B 273 18.98 11.72 -2.03
N GLU B 274 18.80 10.69 -2.87
CA GLU B 274 19.85 9.75 -3.23
C GLU B 274 20.11 9.82 -4.72
N PHE B 275 21.38 9.69 -5.10
CA PHE B 275 21.77 9.78 -6.50
C PHE B 275 22.84 8.73 -6.79
N SER B 276 22.88 8.29 -8.04
CA SER B 276 24.03 7.51 -8.49
C SER B 276 25.27 8.40 -8.45
N TYR B 277 26.37 7.85 -7.92
CA TYR B 277 27.62 8.58 -7.87
C TYR B 277 28.64 7.92 -8.80
N PRO B 278 29.39 8.72 -9.58
CA PRO B 278 29.42 10.19 -9.65
C PRO B 278 28.13 10.80 -10.20
N ALA B 279 27.67 11.87 -9.56
CA ALA B 279 26.53 12.64 -10.01
C ALA B 279 27.02 13.92 -10.69
N THR B 280 26.40 14.26 -11.82
CA THR B 280 26.71 15.54 -12.43
C THR B 280 26.17 16.68 -11.57
N LEU B 281 26.76 17.86 -11.73
CA LEU B 281 26.18 19.03 -11.07
C LEU B 281 24.75 19.23 -11.51
N GLN B 282 24.47 19.01 -12.79
CA GLN B 282 23.12 19.19 -13.31
C GLN B 282 22.12 18.32 -12.59
N THR B 283 22.46 17.03 -12.40
CA THR B 283 21.55 16.13 -11.69
C THR B 283 21.23 16.67 -10.30
N LEU B 284 22.25 17.16 -9.58
CA LEU B 284 22.02 17.66 -8.23
C LEU B 284 21.19 18.95 -8.25
N LEU B 285 21.43 19.82 -9.23
CA LEU B 285 20.60 21.02 -9.35
C LEU B 285 19.17 20.66 -9.72
N ASP B 286 18.98 19.67 -10.59
CA ASP B 286 17.62 19.29 -10.99
C ASP B 286 16.80 18.83 -9.78
N SER B 287 17.44 18.26 -8.77
CA SER B 287 16.70 17.76 -7.62
C SER B 287 15.96 18.89 -6.92
N ASN B 288 16.45 20.12 -7.03
CA ASN B 288 15.80 21.24 -6.36
C ASN B 288 15.10 22.18 -7.34
N SER B 289 14.73 21.66 -8.51
CA SER B 289 13.94 22.44 -9.45
C SER B 289 12.54 22.70 -8.90
N GLU B 290 11.89 23.74 -9.43
CA GLU B 290 10.52 24.00 -9.03
C GLU B 290 9.63 22.79 -9.32
N GLN B 291 9.87 22.11 -10.45
CA GLN B 291 9.05 20.96 -10.79
C GLN B 291 9.12 19.89 -9.70
N ILE B 292 10.33 19.59 -9.22
CA ILE B 292 10.51 18.54 -8.22
C ILE B 292 10.05 19.01 -6.85
N VAL B 293 10.32 20.26 -6.50
CA VAL B 293 10.07 20.69 -5.13
C VAL B 293 8.61 21.04 -4.90
N MET B 294 7.96 21.66 -5.91
CA MET B 294 6.66 22.29 -5.72
C MET B 294 5.50 21.51 -6.32
N LYS B 295 5.75 20.54 -7.19
CA LYS B 295 4.72 19.91 -7.99
C LYS B 295 4.69 18.41 -7.73
N PRO B 296 3.54 17.77 -7.92
CA PRO B 296 3.50 16.30 -7.88
C PRO B 296 4.18 15.73 -9.10
N ASN B 297 4.90 14.63 -8.90
CA ASN B 297 5.61 13.95 -9.98
C ASN B 297 5.39 12.45 -9.83
N LYS B 298 4.90 11.81 -10.90
CA LYS B 298 4.70 10.37 -10.84
C LYS B 298 6.02 9.67 -10.54
N VAL B 299 5.98 8.69 -9.64
CA VAL B 299 7.19 7.98 -9.25
C VAL B 299 7.32 6.72 -10.10
N THR B 300 8.53 6.20 -10.20
CA THR B 300 8.79 4.90 -10.81
C THR B 300 9.39 3.98 -9.76
N ALA B 301 8.88 2.75 -9.66
CA ALA B 301 9.43 1.79 -8.72
C ALA B 301 10.88 1.47 -9.06
N ILE B 302 11.67 1.14 -8.05
CA ILE B 302 13.06 0.76 -8.25
C ILE B 302 13.16 -0.74 -8.45
N SER B 303 14.03 -1.14 -9.37
CA SER B 303 14.52 -2.51 -9.43
C SER B 303 15.85 -2.62 -8.68
N LYS B 304 16.83 -1.80 -9.08
CA LYS B 304 18.15 -1.79 -8.47
C LYS B 304 18.53 -0.36 -8.11
N GLU B 305 18.68 -0.09 -6.80
CA GLU B 305 19.41 1.10 -6.36
C GLU B 305 20.72 1.19 -7.14
N PRO B 306 21.24 2.39 -7.40
CA PRO B 306 22.57 2.50 -7.99
C PRO B 306 23.60 1.75 -7.14
N SER B 307 24.59 1.15 -7.80
CA SER B 307 25.61 0.43 -7.06
C SER B 307 26.47 1.36 -6.21
N VAL B 308 26.70 2.58 -6.67
CA VAL B 308 27.46 3.58 -5.93
C VAL B 308 26.60 4.83 -5.80
N LYS B 309 26.46 5.33 -4.57
CA LYS B 309 25.48 6.36 -4.27
C LYS B 309 26.09 7.53 -3.50
N MET B 310 25.43 8.69 -3.63
CA MET B 310 25.65 9.86 -2.80
C MET B 310 24.30 10.43 -2.40
N TYR B 311 24.31 11.30 -1.39
CA TYR B 311 23.09 11.81 -0.78
C TYR B 311 23.23 13.29 -0.44
N HIS B 312 22.12 14.01 -0.49
CA HIS B 312 22.14 15.39 -0.01
C HIS B 312 20.75 15.82 0.43
N LYS B 313 20.68 17.01 1.04
CA LYS B 313 19.40 17.62 1.40
C LYS B 313 19.59 19.11 1.62
N THR B 314 18.69 19.91 1.07
CA THR B 314 18.63 21.33 1.37
C THR B 314 17.60 21.58 2.47
N GLY B 315 17.79 22.67 3.21
CA GLY B 315 16.79 23.07 4.18
C GLY B 315 16.84 24.57 4.36
N SER B 316 15.68 25.17 4.58
CA SER B 316 15.62 26.61 4.84
C SER B 316 14.54 26.91 5.87
N THR B 317 14.75 27.97 6.63
CA THR B 317 13.66 28.66 7.33
C THR B 317 13.60 30.09 6.79
N THR B 318 12.71 30.89 7.37
N THR B 318 12.72 30.90 7.36
CA THR B 318 12.62 32.27 6.92
CA THR B 318 12.63 32.27 6.87
C THR B 318 13.97 32.98 6.99
C THR B 318 13.97 32.99 6.98
N GLY B 319 14.79 32.65 7.98
CA GLY B 319 16.03 33.37 8.22
C GLY B 319 17.32 32.60 8.05
N PHE B 320 17.23 31.33 7.63
CA PHE B 320 18.41 30.47 7.62
C PHE B 320 18.45 29.60 6.37
N GLY B 321 19.66 29.21 5.98
CA GLY B 321 19.83 28.22 4.93
C GLY B 321 20.75 27.10 5.37
N THR B 322 20.50 25.91 4.83
CA THR B 322 21.26 24.71 5.17
C THR B 322 21.46 23.88 3.92
N TYR B 323 22.61 23.21 3.84
CA TYR B 323 22.85 22.20 2.81
C TYR B 323 23.76 21.14 3.40
N VAL B 324 23.42 19.87 3.20
CA VAL B 324 24.27 18.77 3.64
C VAL B 324 24.39 17.75 2.51
N VAL B 325 25.58 17.18 2.36
CA VAL B 325 25.86 16.24 1.26
C VAL B 325 26.96 15.29 1.72
N PHE B 326 26.85 14.02 1.35
CA PHE B 326 27.96 13.11 1.66
C PHE B 326 28.10 12.03 0.61
N ILE B 327 29.32 11.52 0.47
CA ILE B 327 29.64 10.53 -0.55
C ILE B 327 30.34 9.35 0.13
N PRO B 328 29.62 8.27 0.45
CA PRO B 328 30.28 7.12 1.12
C PRO B 328 31.57 6.65 0.46
N LYS B 329 31.58 6.47 -0.86
CA LYS B 329 32.77 5.93 -1.52
C LYS B 329 34.02 6.74 -1.20
N GLU B 330 33.89 8.07 -1.14
CA GLU B 330 35.01 8.95 -0.90
C GLU B 330 35.20 9.28 0.57
N ASN B 331 34.34 8.76 1.45
CA ASN B 331 34.43 9.03 2.89
C ASN B 331 34.48 10.52 3.19
N ILE B 332 33.67 11.30 2.47
CA ILE B 332 33.70 12.75 2.57
C ILE B 332 32.27 13.29 2.63
N GLY B 333 32.11 14.43 3.30
CA GLY B 333 30.84 15.13 3.37
C GLY B 333 31.06 16.60 3.62
N LEU B 334 29.99 17.37 3.42
CA LEU B 334 30.04 18.82 3.60
C LEU B 334 28.75 19.31 4.22
N VAL B 335 28.86 20.34 5.07
CA VAL B 335 27.74 21.01 5.70
C VAL B 335 27.88 22.51 5.48
N MET B 336 26.81 23.17 5.04
CA MET B 336 26.78 24.64 4.98
C MET B 336 25.62 25.14 5.83
N LEU B 337 25.90 26.10 6.72
CA LEU B 337 24.89 26.77 7.53
C LEU B 337 25.03 28.27 7.32
N THR B 338 23.92 28.94 7.06
CA THR B 338 23.92 30.40 6.95
C THR B 338 22.76 30.94 7.77
N ASN B 339 22.95 32.16 8.31
CA ASN B 339 21.83 32.81 8.99
C ASN B 339 21.15 33.84 8.10
N LYS B 340 21.11 33.56 6.80
CA LYS B 340 20.21 34.20 5.85
C LYS B 340 20.04 33.21 4.71
N ARG B 341 18.81 33.13 4.15
CA ARG B 341 18.59 32.22 3.03
C ARG B 341 19.41 32.67 1.83
N ILE B 342 19.99 31.70 1.12
CA ILE B 342 20.52 31.96 -0.22
C ILE B 342 19.94 30.90 -1.16
N PRO B 343 19.91 31.18 -2.46
CA PRO B 343 19.28 30.23 -3.39
C PRO B 343 19.92 28.85 -3.28
N ASN B 344 19.07 27.82 -3.29
CA ASN B 344 19.58 26.46 -3.13
C ASN B 344 20.63 26.12 -4.18
N GLU B 345 20.44 26.60 -5.40
CA GLU B 345 21.41 26.33 -6.47
C GLU B 345 22.81 26.78 -6.07
N GLU B 346 22.90 27.92 -5.39
CA GLU B 346 24.22 28.40 -4.98
C GLU B 346 24.85 27.46 -3.96
N ARG B 347 24.04 26.93 -3.04
CA ARG B 347 24.55 25.99 -2.05
C ARG B 347 25.10 24.75 -2.72
N ILE B 348 24.31 24.19 -3.65
CA ILE B 348 24.70 22.97 -4.34
C ILE B 348 25.93 23.20 -5.22
N LYS B 349 25.98 24.34 -5.92
CA LYS B 349 27.11 24.60 -6.80
C LYS B 349 28.40 24.76 -6.01
N ALA B 350 28.35 25.53 -4.92
CA ALA B 350 29.55 25.79 -4.14
C ALA B 350 30.06 24.50 -3.48
N ALA B 351 29.14 23.67 -2.98
CA ALA B 351 29.55 22.41 -2.38
C ALA B 351 30.11 21.45 -3.41
N TYR B 352 29.51 21.43 -4.61
CA TYR B 352 30.02 20.56 -5.67
C TYR B 352 31.45 20.96 -6.04
N ALA B 353 31.69 22.26 -6.16
CA ALA B 353 33.03 22.74 -6.51
C ALA B 353 34.05 22.34 -5.46
N VAL B 354 33.69 22.44 -4.18
CA VAL B 354 34.62 22.13 -3.12
C VAL B 354 34.92 20.63 -3.09
N LEU B 355 33.87 19.80 -3.05
CA LEU B 355 34.09 18.36 -2.93
C LEU B 355 34.85 17.81 -4.13
N ASN B 356 34.62 18.35 -5.32
CA ASN B 356 35.26 17.80 -6.51
C ASN B 356 36.69 18.31 -6.72
N ALA B 357 37.15 19.27 -5.92
CA ALA B 357 38.53 19.74 -5.98
C ALA B 357 39.41 19.16 -4.88
N ILE B 358 38.81 18.63 -3.82
CA ILE B 358 39.59 18.19 -2.66
C ILE B 358 40.47 17.01 -3.02
#